data_5Z8A
#
_entry.id   5Z8A
#
_cell.length_a   77.765
_cell.length_b   88.687
_cell.length_c   116.849
_cell.angle_alpha   90.000
_cell.angle_beta   90.000
_cell.angle_gamma   90.000
#
_symmetry.space_group_name_H-M   'P 21 21 21'
#
loop_
_entity.id
_entity.type
_entity.pdbx_description
1 polymer "C-6' aminotransferase"
2 non-polymer "PYRIDOXAL-5'-PHOSPHATE"
3 non-polymer '(2~{R},3~{R},4~{R},5~{R})-2-[(1~{S},2~{S},3~{R},4~{S},6~{R})-3-[(2~{R},3~{R},4~{R},5~{S},6~{R})-6-(aminomethyl)-3-azany l-4,5-bis(oxidanyl)oxan-2-yl]oxy-4,6-bis(azanyl)-2-oxidanyl-cyclohexyl]oxy-5-methyl-4-(methylamino)oxane-3,5-diol'
4 water water
#
_entity_poly.entity_id   1
_entity_poly.type   'polypeptide(L)'
_entity_poly.pdbx_seq_one_letter_code
;MGSSHHHHHHSSGLVPRGSHMTIDIGAGKLLAQEPTCPRDADGRPRVFVEGSGAYLTDPDGRRWIDFDNARGSVVLGHGD
EEVAEAIARAARGRSGVGTAWSPVLDSLLGQLQEVCGGDVVGLYRTGTAALRSVTCAVRDARDRSIVLSSGYHGYDPMWH
CDEPFTPNQHGIVEFLFDLDVLAEWLSRPEQVAAVVISPDHMHLGERWYTEFTRLTKEADVPVIADEVKVGLRYRAGLST
PLLDPAVWIVAKCLANGSPVAAVGGDAHLLAALEDVSFTSYFEPTAMAAATTTLRRMATGEPQQAIRAAGDRFIAHTRAA
FANAGVPIDLAGNGNLFQFVCADDEVADAFHAAAAAEGLLFFEGDNQTPSAAFTDEVVEDACGRIDRVSAALTGRFTDRE
LTEESWYASAWGAMDGLADRPRTREETTAIVERLWED
;
_entity_poly.pdbx_strand_id   A,B
#
# COMPACT_ATOMS: atom_id res chain seq x y z
N LYS A 29 0.37 -22.37 2.81
CA LYS A 29 0.06 -22.94 4.12
C LYS A 29 0.53 -22.00 5.22
N LEU A 30 1.61 -21.26 4.91
CA LEU A 30 2.13 -20.27 5.84
C LEU A 30 1.31 -18.99 5.82
N LEU A 31 0.46 -18.79 4.82
CA LEU A 31 -0.13 -17.48 4.59
C LEU A 31 -1.29 -17.25 5.55
N ALA A 32 -1.21 -16.15 6.32
CA ALA A 32 -2.30 -15.77 7.21
C ALA A 32 -3.44 -15.08 6.48
N GLN A 33 -3.20 -14.59 5.28
CA GLN A 33 -4.21 -13.89 4.49
C GLN A 33 -4.88 -14.84 3.51
N GLU A 34 -5.99 -14.37 2.94
CA GLU A 34 -6.73 -15.11 1.92
C GLU A 34 -6.85 -14.21 0.69
N PRO A 35 -5.80 -14.09 -0.11
CA PRO A 35 -5.86 -13.21 -1.27
C PRO A 35 -6.85 -13.76 -2.30
N THR A 36 -7.59 -12.85 -2.90
CA THR A 36 -8.48 -13.21 -4.00
C THR A 36 -7.64 -13.60 -5.20
N CYS A 37 -7.92 -14.77 -5.76
CA CYS A 37 -7.20 -15.29 -6.91
C CYS A 37 -7.99 -16.49 -7.46
N PRO A 38 -7.70 -16.91 -8.69
CA PRO A 38 -8.37 -18.11 -9.20
C PRO A 38 -8.02 -19.32 -8.35
N ARG A 39 -9.05 -20.08 -8.00
CA ARG A 39 -8.88 -21.28 -7.19
C ARG A 39 -9.63 -22.43 -7.85
N ASP A 40 -9.13 -23.64 -7.65
CA ASP A 40 -9.80 -24.81 -8.18
C ASP A 40 -11.04 -25.13 -7.33
N ALA A 41 -11.72 -26.22 -7.69
CA ALA A 41 -12.96 -26.56 -7.03
C ALA A 41 -12.77 -26.87 -5.55
N ASP A 42 -11.56 -27.23 -5.12
CA ASP A 42 -11.26 -27.49 -3.72
C ASP A 42 -10.75 -26.25 -2.98
N GLY A 43 -10.69 -25.11 -3.63
CA GLY A 43 -10.22 -23.89 -2.99
C GLY A 43 -8.73 -23.64 -3.07
N ARG A 44 -7.98 -24.50 -3.78
CA ARG A 44 -6.52 -24.33 -3.89
C ARG A 44 -6.20 -23.34 -5.02
N PRO A 45 -5.28 -22.40 -4.78
CA PRO A 45 -4.95 -21.41 -5.82
C PRO A 45 -4.44 -22.08 -7.09
N ARG A 46 -4.94 -21.61 -8.23
CA ARG A 46 -4.38 -21.99 -9.53
C ARG A 46 -3.10 -21.21 -9.76
N VAL A 47 -2.02 -21.92 -10.04
CA VAL A 47 -0.71 -21.29 -10.26
C VAL A 47 -0.51 -21.08 -11.76
N PHE A 48 0.02 -19.90 -12.11
CA PHE A 48 0.40 -19.63 -13.49
C PHE A 48 1.85 -19.17 -13.53
N VAL A 49 2.61 -19.72 -14.48
CA VAL A 49 4.06 -19.51 -14.55
C VAL A 49 4.39 -18.20 -15.24
N GLU A 50 3.62 -17.82 -16.25
CA GLU A 50 3.98 -16.71 -17.11
C GLU A 50 2.73 -16.23 -17.83
N GLY A 51 2.81 -15.03 -18.38
CA GLY A 51 1.72 -14.47 -19.16
C GLY A 51 2.24 -13.53 -20.22
N SER A 52 1.48 -13.42 -21.30
CA SER A 52 1.80 -12.51 -22.38
C SER A 52 0.50 -12.10 -23.04
N GLY A 53 0.20 -10.81 -23.00
CA GLY A 53 -1.03 -10.31 -23.57
C GLY A 53 -2.25 -10.82 -22.83
N ALA A 54 -3.06 -11.63 -23.50
CA ALA A 54 -4.25 -12.23 -22.91
C ALA A 54 -4.06 -13.69 -22.52
N TYR A 55 -2.87 -14.25 -22.72
CA TYR A 55 -2.64 -15.68 -22.50
C TYR A 55 -1.77 -15.92 -21.29
N LEU A 56 -2.18 -16.89 -20.47
CA LEU A 56 -1.40 -17.38 -19.34
C LEU A 56 -0.99 -18.82 -19.62
N THR A 57 0.16 -19.21 -19.10
CA THR A 57 0.62 -20.59 -19.16
C THR A 57 0.74 -21.18 -17.76
N ASP A 58 0.15 -22.34 -17.54
CA ASP A 58 0.16 -22.99 -16.23
C ASP A 58 1.37 -23.94 -16.12
N PRO A 59 1.62 -24.51 -14.93
CA PRO A 59 2.80 -25.37 -14.78
C PRO A 59 2.83 -26.57 -15.70
N ASP A 60 1.69 -27.00 -16.24
CA ASP A 60 1.63 -28.12 -17.16
C ASP A 60 1.76 -27.70 -18.61
N GLY A 61 1.97 -26.42 -18.89
CA GLY A 61 2.13 -25.94 -20.25
C GLY A 61 0.85 -25.54 -20.95
N ARG A 62 -0.30 -25.62 -20.29
CA ARG A 62 -1.57 -25.30 -20.92
C ARG A 62 -1.76 -23.79 -20.99
N ARG A 63 -2.29 -23.30 -22.11
CA ARG A 63 -2.49 -21.88 -22.32
C ARG A 63 -3.94 -21.52 -22.02
N TRP A 64 -4.13 -20.47 -21.21
CA TRP A 64 -5.44 -20.02 -20.80
C TRP A 64 -5.65 -18.57 -21.26
N ILE A 65 -6.92 -18.19 -21.46
CA ILE A 65 -7.27 -16.82 -21.80
C ILE A 65 -7.76 -16.12 -20.53
N ASP A 66 -7.11 -15.01 -20.19
CA ASP A 66 -7.37 -14.30 -18.93
C ASP A 66 -8.45 -13.24 -19.13
N PHE A 67 -9.56 -13.41 -18.39
CA PHE A 67 -10.60 -12.39 -18.29
C PHE A 67 -10.59 -11.70 -16.94
N ASP A 68 -9.77 -12.15 -16.00
CA ASP A 68 -9.64 -11.60 -14.65
C ASP A 68 -8.66 -10.44 -14.68
N ASN A 69 -7.45 -10.68 -15.17
CA ASN A 69 -6.48 -9.61 -15.42
C ASN A 69 -6.15 -8.84 -14.14
N ALA A 70 -5.74 -9.59 -13.13
CA ALA A 70 -5.41 -9.04 -11.81
C ALA A 70 -6.53 -8.15 -11.30
N ARG A 71 -7.74 -8.72 -11.30
CA ARG A 71 -8.93 -8.04 -10.79
C ARG A 71 -9.22 -6.75 -11.57
N GLY A 72 -8.89 -6.75 -12.86
CA GLY A 72 -9.16 -5.61 -13.70
C GLY A 72 -8.08 -4.56 -13.72
N SER A 73 -6.91 -4.83 -13.15
CA SER A 73 -5.84 -3.83 -13.13
C SER A 73 -4.88 -3.98 -14.31
N VAL A 74 -4.86 -5.12 -15.00
CA VAL A 74 -4.10 -5.26 -16.24
C VAL A 74 -5.06 -4.89 -17.37
N VAL A 75 -4.97 -3.65 -17.85
CA VAL A 75 -5.88 -3.18 -18.90
C VAL A 75 -5.21 -3.10 -20.27
N LEU A 76 -3.88 -3.07 -20.32
CA LEU A 76 -3.18 -3.09 -21.59
C LEU A 76 -2.81 -4.51 -22.01
N GLY A 77 -2.50 -5.37 -21.06
CA GLY A 77 -2.13 -6.74 -21.36
C GLY A 77 -0.89 -7.12 -20.58
N HIS A 78 -0.77 -8.40 -20.25
CA HIS A 78 0.36 -8.86 -19.44
C HIS A 78 1.66 -8.70 -20.23
N GLY A 79 2.66 -8.12 -19.57
CA GLY A 79 3.97 -7.98 -20.20
C GLY A 79 4.03 -6.93 -21.29
N ASP A 80 3.07 -6.00 -21.32
CA ASP A 80 3.08 -4.95 -22.32
C ASP A 80 4.47 -4.33 -22.46
N GLU A 81 4.98 -4.31 -23.70
CA GLU A 81 6.40 -4.01 -23.87
C GLU A 81 6.73 -2.54 -23.60
N GLU A 82 5.87 -1.62 -24.02
CA GLU A 82 6.15 -0.21 -23.74
C GLU A 82 6.23 0.06 -22.25
N VAL A 83 5.28 -0.49 -21.49
CA VAL A 83 5.35 -0.36 -20.04
C VAL A 83 6.59 -1.07 -19.50
N ALA A 84 6.92 -2.25 -20.05
CA ALA A 84 8.07 -3.00 -19.55
C ALA A 84 9.37 -2.24 -19.75
N GLU A 85 9.52 -1.58 -20.91
CA GLU A 85 10.73 -0.80 -21.16
C GLU A 85 10.85 0.36 -20.19
N ALA A 86 9.72 1.03 -19.91
CA ALA A 86 9.75 2.14 -18.96
C ALA A 86 10.05 1.64 -17.55
N ILE A 87 9.45 0.52 -17.15
CA ILE A 87 9.75 -0.07 -15.85
C ILE A 87 11.23 -0.44 -15.76
N ALA A 88 11.77 -1.05 -16.82
CA ALA A 88 13.16 -1.50 -16.78
C ALA A 88 14.13 -0.31 -16.66
N ARG A 89 13.89 0.76 -17.40
CA ARG A 89 14.72 1.95 -17.26
C ARG A 89 14.60 2.52 -15.84
N ALA A 90 13.39 2.53 -15.30
CA ALA A 90 13.21 3.03 -13.94
C ALA A 90 13.91 2.14 -12.91
N ALA A 91 13.92 0.83 -13.14
CA ALA A 91 14.64 -0.09 -12.26
C ALA A 91 16.15 0.15 -12.26
N ARG A 92 16.65 0.89 -13.24
CA ARG A 92 18.06 1.28 -13.30
C ARG A 92 18.28 2.75 -12.94
N GLY A 93 17.26 3.43 -12.41
CA GLY A 93 17.40 4.79 -11.93
C GLY A 93 17.51 5.86 -12.99
N ARG A 94 17.07 5.58 -14.22
CA ARG A 94 17.36 6.47 -15.35
C ARG A 94 16.53 7.76 -15.35
N SER A 95 15.41 7.81 -14.63
CA SER A 95 14.61 9.03 -14.58
C SER A 95 14.42 9.55 -13.16
N GLY A 96 15.13 9.00 -12.19
CA GLY A 96 14.91 9.36 -10.80
C GLY A 96 14.99 8.15 -9.89
N VAL A 97 15.03 8.38 -8.57
CA VAL A 97 15.22 7.32 -7.59
C VAL A 97 14.19 7.54 -6.48
N GLY A 98 14.05 6.51 -5.64
CA GLY A 98 13.10 6.61 -4.54
C GLY A 98 13.43 7.65 -3.49
N THR A 99 14.65 8.18 -3.50
CA THR A 99 15.02 9.15 -2.47
C THR A 99 14.30 10.48 -2.65
N ALA A 100 13.98 10.87 -3.88
CA ALA A 100 13.74 12.29 -4.13
C ALA A 100 12.74 12.55 -5.24
N TRP A 101 12.18 13.75 -5.20
CA TRP A 101 11.35 14.30 -6.27
C TRP A 101 12.09 14.22 -7.61
N SER A 102 11.34 13.97 -8.68
CA SER A 102 11.88 13.96 -10.03
C SER A 102 10.81 14.45 -10.98
N PRO A 103 11.18 14.84 -12.21
CA PRO A 103 10.19 15.33 -13.18
C PRO A 103 9.09 14.33 -13.50
N VAL A 104 9.32 13.03 -13.34
CA VAL A 104 8.27 12.05 -13.62
C VAL A 104 7.06 12.31 -12.73
N LEU A 105 7.29 12.69 -11.47
CA LEU A 105 6.18 12.95 -10.58
C LEU A 105 5.35 14.14 -11.04
N ASP A 106 6.00 15.24 -11.45
CA ASP A 106 5.27 16.38 -11.98
C ASP A 106 4.38 15.95 -13.15
N SER A 107 4.93 15.15 -14.05
CA SER A 107 4.17 14.71 -15.21
C SER A 107 2.96 13.90 -14.78
N LEU A 108 3.16 12.94 -13.87
CA LEU A 108 2.06 12.07 -13.44
C LEU A 108 0.94 12.85 -12.78
N LEU A 109 1.27 13.76 -11.87
CA LEU A 109 0.23 14.53 -11.19
C LEU A 109 -0.57 15.35 -12.19
N GLY A 110 0.11 15.94 -13.17
CA GLY A 110 -0.59 16.71 -14.19
C GLY A 110 -1.49 15.86 -15.06
N GLN A 111 -1.04 14.66 -15.43
CA GLN A 111 -1.89 13.75 -16.20
C GLN A 111 -3.15 13.39 -15.44
N LEU A 112 -3.01 13.11 -14.14
CA LEU A 112 -4.17 12.74 -13.35
C LEU A 112 -5.18 13.88 -13.26
N GLN A 113 -4.69 15.10 -13.02
CA GLN A 113 -5.60 16.24 -12.90
C GLN A 113 -6.30 16.53 -14.23
N GLU A 114 -5.57 16.37 -15.34
CA GLU A 114 -6.19 16.63 -16.64
C GLU A 114 -7.31 15.66 -16.95
N VAL A 115 -7.12 14.37 -16.63
CA VAL A 115 -8.10 13.37 -17.04
C VAL A 115 -9.26 13.30 -16.06
N CYS A 116 -8.99 13.49 -14.77
CA CYS A 116 -10.03 13.32 -13.75
C CYS A 116 -10.56 14.62 -13.17
N GLY A 117 -9.83 15.72 -13.31
CA GLY A 117 -10.25 16.99 -12.73
C GLY A 117 -9.91 17.09 -11.26
N GLY A 118 -10.24 18.24 -10.68
CA GLY A 118 -10.07 18.45 -9.26
C GLY A 118 -9.03 19.53 -8.95
N ASP A 119 -9.13 20.06 -7.73
CA ASP A 119 -8.18 21.08 -7.26
C ASP A 119 -6.80 20.48 -6.99
N VAL A 120 -6.78 19.34 -6.29
CA VAL A 120 -5.55 18.73 -5.81
C VAL A 120 -5.62 17.24 -6.10
N VAL A 121 -4.46 16.58 -6.00
CA VAL A 121 -4.31 15.17 -6.29
C VAL A 121 -3.42 14.52 -5.22
N GLY A 122 -3.63 13.23 -4.97
CA GLY A 122 -2.78 12.47 -4.08
C GLY A 122 -2.55 11.07 -4.63
N LEU A 123 -1.52 10.41 -4.10
CA LEU A 123 -1.12 9.08 -4.55
C LEU A 123 -1.05 8.11 -3.39
N TYR A 124 -1.39 6.84 -3.67
CA TYR A 124 -1.39 5.74 -2.70
C TYR A 124 -0.90 4.47 -3.39
N ARG A 125 -0.65 3.44 -2.59
CA ARG A 125 -0.20 2.16 -3.15
C ARG A 125 -1.34 1.18 -3.41
N THR A 126 -2.47 1.32 -2.73
CA THR A 126 -3.62 0.45 -2.91
C THR A 126 -4.90 1.28 -2.88
N GLY A 127 -5.95 0.73 -3.47
CA GLY A 127 -7.27 1.35 -3.34
C GLY A 127 -7.75 1.37 -1.90
N THR A 128 -7.44 0.33 -1.13
CA THR A 128 -7.84 0.30 0.28
C THR A 128 -7.25 1.49 1.04
N ALA A 129 -5.96 1.76 0.85
CA ALA A 129 -5.33 2.87 1.55
C ALA A 129 -5.91 4.20 1.09
N ALA A 130 -6.13 4.35 -0.20
CA ALA A 130 -6.69 5.60 -0.71
C ALA A 130 -8.08 5.84 -0.14
N LEU A 131 -8.92 4.81 -0.11
CA LEU A 131 -10.29 4.99 0.34
C LEU A 131 -10.34 5.33 1.82
N ARG A 132 -9.51 4.67 2.63
CA ARG A 132 -9.49 5.00 4.05
C ARG A 132 -9.03 6.43 4.27
N SER A 133 -7.94 6.82 3.59
CA SER A 133 -7.37 8.15 3.81
C SER A 133 -8.33 9.26 3.37
N VAL A 134 -8.95 9.10 2.21
CA VAL A 134 -9.90 10.10 1.73
C VAL A 134 -11.13 10.16 2.62
N THR A 135 -11.67 9.02 3.04
CA THR A 135 -12.88 9.03 3.85
C THR A 135 -12.62 9.69 5.19
N CYS A 136 -11.50 9.36 5.84
CA CYS A 136 -11.14 10.04 7.07
C CYS A 136 -10.97 11.55 6.86
N ALA A 137 -10.31 11.94 5.76
CA ALA A 137 -10.08 13.37 5.52
C ALA A 137 -11.39 14.12 5.32
N VAL A 138 -12.31 13.55 4.54
CA VAL A 138 -13.58 14.22 4.26
C VAL A 138 -14.41 14.31 5.53
N ARG A 139 -14.51 13.22 6.28
CA ARG A 139 -15.20 13.23 7.57
C ARG A 139 -14.65 14.31 8.47
N ASP A 140 -13.32 14.46 8.51
CA ASP A 140 -12.70 15.47 9.37
C ASP A 140 -13.04 16.87 8.89
N ALA A 141 -12.94 17.10 7.58
CA ALA A 141 -13.21 18.43 7.03
C ALA A 141 -14.66 18.83 7.27
N ARG A 142 -15.58 17.87 7.18
CA ARG A 142 -17.00 18.11 7.32
C ARG A 142 -17.45 18.18 8.77
N ASP A 143 -16.62 17.74 9.71
CA ASP A 143 -16.96 17.73 11.14
C ASP A 143 -18.33 17.07 11.39
N ARG A 144 -18.56 15.95 10.73
CA ARG A 144 -19.79 15.18 10.86
C ARG A 144 -19.43 13.70 10.99
N SER A 145 -20.33 12.92 11.59
CA SER A 145 -19.99 11.58 12.04
C SER A 145 -20.40 10.46 11.10
N ILE A 146 -21.40 10.65 10.25
CA ILE A 146 -22.02 9.56 9.50
C ILE A 146 -21.51 9.59 8.06
N VAL A 147 -21.13 8.43 7.54
CA VAL A 147 -20.80 8.27 6.13
C VAL A 147 -21.73 7.21 5.57
N LEU A 148 -22.41 7.54 4.47
CA LEU A 148 -23.28 6.59 3.79
C LEU A 148 -22.49 5.94 2.65
N SER A 149 -22.53 4.61 2.58
CA SER A 149 -21.64 3.90 1.67
C SER A 149 -22.38 2.84 0.89
N SER A 150 -22.07 2.72 -0.40
CA SER A 150 -22.40 1.54 -1.18
C SER A 150 -21.19 1.09 -1.98
N GLY A 151 -21.08 -0.22 -2.19
CA GLY A 151 -19.98 -0.79 -2.95
C GLY A 151 -18.79 -1.12 -2.07
N TYR A 152 -17.88 -1.89 -2.64
CA TYR A 152 -16.68 -2.30 -1.95
C TYR A 152 -15.63 -1.19 -2.01
N HIS A 153 -14.96 -0.96 -0.88
CA HIS A 153 -13.96 0.10 -0.76
C HIS A 153 -12.62 -0.41 -0.26
N GLY A 154 -12.43 -1.72 -0.22
CA GLY A 154 -11.17 -2.28 0.23
C GLY A 154 -11.33 -3.02 1.55
N TYR A 155 -10.21 -3.58 2.01
CA TYR A 155 -10.26 -4.60 3.06
C TYR A 155 -10.23 -4.04 4.47
N ASP A 156 -10.04 -2.72 4.64
CA ASP A 156 -9.83 -2.17 5.95
C ASP A 156 -11.05 -2.42 6.85
N PRO A 157 -10.83 -2.71 8.14
CA PRO A 157 -11.96 -3.02 9.04
C PRO A 157 -12.93 -1.87 9.25
N MET A 158 -12.58 -0.64 8.87
CA MET A 158 -13.52 0.46 9.07
C MET A 158 -14.83 0.21 8.32
N TRP A 159 -14.81 -0.59 7.25
CA TRP A 159 -16.00 -0.86 6.45
C TRP A 159 -16.80 -2.06 6.93
N HIS A 160 -16.28 -2.84 7.87
CA HIS A 160 -16.98 -4.05 8.30
C HIS A 160 -18.27 -3.66 9.01
N CYS A 161 -19.33 -4.41 8.75
CA CYS A 161 -20.56 -4.18 9.51
C CYS A 161 -21.33 -5.48 9.68
N ASP A 162 -22.12 -5.53 10.75
CA ASP A 162 -22.93 -6.70 11.06
C ASP A 162 -24.26 -6.69 10.32
N GLU A 163 -24.80 -5.51 10.02
CA GLU A 163 -26.10 -5.38 9.39
C GLU A 163 -26.05 -4.21 8.43
N PRO A 164 -26.80 -4.26 7.34
CA PRO A 164 -26.94 -3.08 6.48
C PRO A 164 -27.92 -2.10 7.09
N PHE A 165 -27.86 -0.87 6.58
CA PHE A 165 -28.85 0.20 6.82
C PHE A 165 -28.71 0.84 8.19
N THR A 166 -27.71 0.47 8.98
CA THR A 166 -27.49 1.06 10.30
C THR A 166 -26.01 1.35 10.47
N PRO A 167 -25.65 2.31 11.32
CA PRO A 167 -24.23 2.67 11.44
C PRO A 167 -23.44 1.56 12.11
N ASN A 168 -22.28 1.25 11.52
CA ASN A 168 -21.31 0.40 12.20
C ASN A 168 -20.61 1.21 13.29
N GLN A 169 -19.63 0.59 13.95
CA GLN A 169 -18.97 1.28 15.05
C GLN A 169 -18.08 2.42 14.59
N HIS A 170 -17.87 2.57 13.28
CA HIS A 170 -17.12 3.67 12.70
C HIS A 170 -18.02 4.75 12.11
N GLY A 171 -19.34 4.66 12.32
CA GLY A 171 -20.28 5.60 11.77
C GLY A 171 -20.64 5.40 10.30
N ILE A 172 -20.27 4.27 9.71
CA ILE A 172 -20.53 4.04 8.29
C ILE A 172 -21.82 3.24 8.15
N VAL A 173 -22.69 3.69 7.24
CA VAL A 173 -23.99 3.07 6.99
C VAL A 173 -23.96 2.47 5.59
N GLU A 174 -24.04 1.15 5.49
CA GLU A 174 -24.14 0.49 4.19
C GLU A 174 -25.57 0.60 3.70
N PHE A 175 -25.77 1.16 2.51
CA PHE A 175 -27.12 1.26 1.96
C PHE A 175 -27.39 0.43 0.71
N LEU A 176 -26.40 -0.35 0.23
CA LEU A 176 -26.63 -1.37 -0.81
C LEU A 176 -27.20 -0.82 -2.12
N PHE A 177 -26.90 0.45 -2.44
CA PHE A 177 -27.41 1.14 -3.62
C PHE A 177 -28.92 1.31 -3.61
N ASP A 178 -29.54 1.24 -2.43
CA ASP A 178 -30.98 1.43 -2.32
C ASP A 178 -31.28 2.90 -2.08
N LEU A 179 -31.96 3.53 -3.05
CA LEU A 179 -32.22 4.97 -2.95
C LEU A 179 -33.29 5.31 -1.92
N ASP A 180 -34.20 4.40 -1.60
CA ASP A 180 -35.15 4.67 -0.52
C ASP A 180 -34.44 4.77 0.82
N VAL A 181 -33.52 3.83 1.10
CA VAL A 181 -32.75 3.91 2.33
C VAL A 181 -31.87 5.16 2.31
N LEU A 182 -31.25 5.46 1.17
CA LEU A 182 -30.42 6.64 1.07
C LEU A 182 -31.21 7.90 1.38
N ALA A 183 -32.41 8.03 0.78
CA ALA A 183 -33.24 9.22 1.01
C ALA A 183 -33.63 9.33 2.48
N GLU A 184 -33.90 8.20 3.12
CA GLU A 184 -34.21 8.19 4.54
C GLU A 184 -33.06 8.79 5.35
N TRP A 185 -31.83 8.33 5.08
CA TRP A 185 -30.67 8.86 5.81
C TRP A 185 -30.38 10.30 5.45
N LEU A 186 -30.63 10.70 4.21
CA LEU A 186 -30.39 12.08 3.81
C LEU A 186 -31.48 13.03 4.25
N SER A 187 -32.63 12.51 4.69
CA SER A 187 -33.68 13.39 5.22
C SER A 187 -33.25 14.08 6.50
N ARG A 188 -32.22 13.56 7.16
CA ARG A 188 -31.60 14.18 8.34
C ARG A 188 -30.16 14.51 7.99
N PRO A 189 -29.93 15.49 7.11
CA PRO A 189 -28.61 15.60 6.46
C PRO A 189 -27.52 16.22 7.31
N GLU A 190 -27.85 16.89 8.40
CA GLU A 190 -26.83 17.67 9.11
C GLU A 190 -25.72 16.81 9.70
N GLN A 191 -25.94 15.52 9.91
CA GLN A 191 -24.89 14.69 10.47
C GLN A 191 -24.19 13.82 9.43
N VAL A 192 -24.52 13.98 8.16
CA VAL A 192 -23.97 13.14 7.10
C VAL A 192 -22.75 13.84 6.53
N ALA A 193 -21.56 13.28 6.78
CA ALA A 193 -20.32 13.85 6.25
C ALA A 193 -20.23 13.69 4.74
N ALA A 194 -20.57 12.50 4.23
CA ALA A 194 -20.32 12.20 2.82
C ALA A 194 -21.12 10.97 2.43
N VAL A 195 -21.32 10.83 1.13
CA VAL A 195 -21.81 9.60 0.52
C VAL A 195 -20.71 9.06 -0.37
N VAL A 196 -20.25 7.83 -0.10
CA VAL A 196 -19.19 7.20 -0.89
C VAL A 196 -19.78 6.00 -1.61
N ILE A 197 -19.65 5.98 -2.94
CA ILE A 197 -20.18 4.88 -3.75
C ILE A 197 -19.13 4.36 -4.73
N SER A 198 -19.15 3.06 -4.96
CA SER A 198 -18.39 2.46 -6.03
C SER A 198 -19.34 2.26 -7.20
N PRO A 199 -19.32 3.12 -8.22
CA PRO A 199 -20.38 3.09 -9.23
C PRO A 199 -20.35 1.79 -10.02
N ASP A 200 -21.53 1.20 -10.20
CA ASP A 200 -21.73 0.07 -11.07
C ASP A 200 -22.53 0.52 -12.29
N HIS A 201 -22.19 -0.04 -13.44
CA HIS A 201 -22.91 0.26 -14.68
C HIS A 201 -23.49 -0.96 -15.36
N MET A 202 -23.39 -2.13 -14.73
CA MET A 202 -24.06 -3.32 -15.25
C MET A 202 -25.51 -3.35 -14.81
N HIS A 203 -25.79 -2.94 -13.57
CA HIS A 203 -27.11 -3.12 -12.99
C HIS A 203 -27.75 -1.82 -12.49
N LEU A 204 -27.04 -0.71 -12.58
CA LEU A 204 -27.58 0.62 -12.26
C LEU A 204 -27.56 1.45 -13.53
N GLY A 205 -28.70 2.07 -13.85
CA GLY A 205 -28.86 2.81 -15.08
C GLY A 205 -28.90 4.32 -14.86
N GLU A 206 -29.18 5.02 -15.96
CA GLU A 206 -29.14 6.49 -15.94
C GLU A 206 -30.12 7.05 -14.90
N ARG A 207 -31.30 6.43 -14.77
CA ARG A 207 -32.30 6.91 -13.83
C ARG A 207 -31.80 6.80 -12.39
N TRP A 208 -31.04 5.74 -12.09
CA TRP A 208 -30.50 5.59 -10.74
C TRP A 208 -29.52 6.73 -10.44
N TYR A 209 -28.62 7.02 -11.37
CA TYR A 209 -27.62 8.06 -11.15
C TYR A 209 -28.27 9.46 -11.06
N THR A 210 -29.24 9.76 -11.91
CA THR A 210 -29.90 11.06 -11.82
C THR A 210 -30.58 11.25 -10.48
N GLU A 211 -31.24 10.22 -9.97
CA GLU A 211 -31.87 10.33 -8.65
C GLU A 211 -30.83 10.39 -7.54
N PHE A 212 -29.77 9.58 -7.63
CA PHE A 212 -28.72 9.62 -6.62
C PHE A 212 -28.14 11.03 -6.51
N THR A 213 -27.82 11.64 -7.65
CA THR A 213 -27.22 12.96 -7.62
C THR A 213 -28.21 14.02 -7.18
N ARG A 214 -29.49 13.88 -7.56
CA ARG A 214 -30.50 14.82 -7.08
C ARG A 214 -30.61 14.77 -5.55
N LEU A 215 -30.63 13.56 -4.99
CA LEU A 215 -30.77 13.41 -3.54
C LEU A 215 -29.58 14.00 -2.80
N THR A 216 -28.36 13.72 -3.29
CA THR A 216 -27.18 14.20 -2.60
C THR A 216 -26.99 15.70 -2.75
N LYS A 217 -27.33 16.24 -3.93
CA LYS A 217 -27.27 17.68 -4.11
C LYS A 217 -28.29 18.39 -3.21
N GLU A 218 -29.48 17.81 -3.08
CA GLU A 218 -30.52 18.39 -2.23
C GLU A 218 -30.05 18.44 -0.78
N ALA A 219 -29.40 17.40 -0.30
CA ALA A 219 -28.87 17.39 1.06
C ALA A 219 -27.55 18.15 1.20
N ASP A 220 -26.97 18.61 0.08
CA ASP A 220 -25.68 19.30 0.08
C ASP A 220 -24.59 18.47 0.74
N VAL A 221 -24.59 17.17 0.46
CA VAL A 221 -23.64 16.24 1.03
C VAL A 221 -22.64 15.86 -0.07
N PRO A 222 -21.34 15.97 0.17
CA PRO A 222 -20.36 15.69 -0.89
C PRO A 222 -20.35 14.21 -1.24
N VAL A 223 -20.17 13.93 -2.53
CA VAL A 223 -20.08 12.56 -3.04
C VAL A 223 -18.61 12.20 -3.24
N ILE A 224 -18.21 11.08 -2.68
CA ILE A 224 -16.91 10.47 -2.94
C ILE A 224 -17.15 9.36 -3.96
N ALA A 225 -16.60 9.50 -5.16
CA ALA A 225 -16.73 8.49 -6.21
C ALA A 225 -15.56 7.53 -6.12
N ASP A 226 -15.81 6.33 -5.60
CA ASP A 226 -14.79 5.29 -5.54
C ASP A 226 -14.76 4.64 -6.90
N GLU A 227 -13.91 5.18 -7.78
CA GLU A 227 -13.76 4.70 -9.15
C GLU A 227 -12.48 3.87 -9.31
N VAL A 228 -12.06 3.21 -8.23
CA VAL A 228 -10.94 2.29 -8.29
C VAL A 228 -11.09 1.31 -9.46
N LYS A 229 -12.31 0.81 -9.66
CA LYS A 229 -12.53 -0.17 -10.72
C LYS A 229 -12.99 0.46 -12.03
N VAL A 230 -13.90 1.44 -11.96
CA VAL A 230 -14.55 1.97 -13.16
C VAL A 230 -13.92 3.26 -13.69
N GLY A 231 -13.03 3.89 -12.94
CA GLY A 231 -12.39 5.10 -13.40
C GLY A 231 -11.46 4.78 -14.57
N LEU A 232 -11.65 5.44 -15.70
CA LEU A 232 -10.94 5.20 -16.96
C LEU A 232 -11.28 3.86 -17.61
N ARG A 233 -12.25 3.11 -17.06
CA ARG A 233 -12.56 1.78 -17.57
C ARG A 233 -13.29 1.85 -18.90
N TYR A 234 -14.18 2.82 -19.06
CA TYR A 234 -15.04 2.86 -20.23
C TYR A 234 -14.69 3.98 -21.20
N ARG A 235 -13.91 4.95 -20.76
CA ARG A 235 -13.58 6.14 -21.55
C ARG A 235 -12.42 6.82 -20.85
N ALA A 236 -11.92 7.90 -21.47
CA ALA A 236 -10.82 8.68 -20.91
C ALA A 236 -11.33 9.66 -19.86
N GLY A 237 -11.86 9.10 -18.77
CA GLY A 237 -12.39 9.90 -17.70
C GLY A 237 -13.11 9.03 -16.69
N LEU A 238 -13.79 9.68 -15.76
CA LEU A 238 -14.60 8.95 -14.80
C LEU A 238 -15.81 8.31 -15.48
N SER A 239 -16.49 7.43 -14.75
CA SER A 239 -17.42 6.49 -15.39
C SER A 239 -18.71 7.15 -15.88
N THR A 240 -19.16 8.23 -15.24
CA THR A 240 -20.44 8.82 -15.67
C THR A 240 -20.53 10.32 -15.41
N PRO A 241 -20.93 11.11 -16.41
CA PRO A 241 -21.15 12.55 -16.17
C PRO A 241 -22.39 12.82 -15.34
N LEU A 242 -23.19 11.81 -15.02
CA LEU A 242 -24.35 11.97 -14.16
C LEU A 242 -23.99 12.04 -12.68
N LEU A 243 -22.73 11.77 -12.31
CA LEU A 243 -22.22 12.00 -10.97
C LEU A 243 -21.43 13.30 -10.96
N ASP A 244 -21.49 13.98 -9.81
CA ASP A 244 -20.73 15.21 -9.56
C ASP A 244 -19.88 14.98 -8.32
N PRO A 245 -18.79 14.22 -8.43
CA PRO A 245 -18.02 13.87 -7.23
C PRO A 245 -17.20 15.05 -6.73
N ALA A 246 -17.24 15.23 -5.40
CA ALA A 246 -16.34 16.16 -4.75
C ALA A 246 -14.94 15.60 -4.63
N VAL A 247 -14.83 14.28 -4.52
CA VAL A 247 -13.56 13.57 -4.46
C VAL A 247 -13.70 12.31 -5.31
N TRP A 248 -12.67 11.97 -6.06
CA TRP A 248 -12.59 10.73 -6.82
C TRP A 248 -11.36 9.94 -6.40
N ILE A 249 -11.44 8.62 -6.62
CA ILE A 249 -10.31 7.71 -6.51
C ILE A 249 -10.31 6.85 -7.77
N VAL A 250 -9.13 6.63 -8.35
CA VAL A 250 -8.97 5.68 -9.44
C VAL A 250 -7.74 4.84 -9.11
N ALA A 251 -7.63 3.68 -9.76
CA ALA A 251 -6.47 2.83 -9.49
C ALA A 251 -6.24 1.74 -10.52
N LYS A 252 -7.23 0.86 -10.71
CA LYS A 252 -7.00 -0.33 -11.53
C LYS A 252 -6.62 0.02 -12.95
N CYS A 253 -7.19 1.09 -13.52
CA CYS A 253 -6.87 1.42 -14.90
C CYS A 253 -5.61 2.28 -15.04
N LEU A 254 -4.90 2.57 -13.95
CA LEU A 254 -3.83 3.56 -13.99
C LEU A 254 -2.46 3.02 -14.42
N ALA A 255 -2.13 1.76 -14.10
CA ALA A 255 -0.72 1.39 -14.11
C ALA A 255 -0.48 -0.05 -14.59
N ASN A 256 -1.43 -0.64 -15.32
CA ASN A 256 -1.31 -1.99 -15.85
C ASN A 256 -0.91 -3.01 -14.79
N GLY A 257 -1.43 -2.82 -13.57
CA GLY A 257 -1.22 -3.74 -12.48
C GLY A 257 -0.19 -3.29 -11.46
N SER A 258 0.69 -2.36 -11.82
CA SER A 258 1.63 -1.86 -10.83
C SER A 258 0.86 -1.15 -9.71
N PRO A 259 1.41 -1.14 -8.48
CA PRO A 259 0.62 -0.69 -7.31
C PRO A 259 0.56 0.84 -7.14
N VAL A 260 -0.38 1.44 -7.87
CA VAL A 260 -0.63 2.87 -7.83
C VAL A 260 -2.12 3.13 -7.76
N ALA A 261 -2.54 3.97 -6.82
CA ALA A 261 -3.90 4.51 -6.76
C ALA A 261 -3.78 6.01 -6.66
N ALA A 262 -4.77 6.72 -7.18
CA ALA A 262 -4.74 8.18 -7.12
C ALA A 262 -6.08 8.70 -6.65
N VAL A 263 -6.04 9.88 -6.04
CA VAL A 263 -7.24 10.55 -5.56
C VAL A 263 -7.15 12.02 -5.94
N GLY A 264 -8.30 12.67 -5.97
CA GLY A 264 -8.28 14.10 -6.20
C GLY A 264 -9.64 14.70 -5.97
N GLY A 265 -9.69 16.02 -5.97
CA GLY A 265 -10.96 16.69 -5.81
C GLY A 265 -10.78 17.99 -5.06
N ASP A 266 -11.84 18.35 -4.32
CA ASP A 266 -11.93 19.66 -3.66
C ASP A 266 -10.84 19.79 -2.59
N ALA A 267 -10.10 20.90 -2.66
CA ALA A 267 -8.94 21.05 -1.77
C ALA A 267 -9.33 21.04 -0.30
N HIS A 268 -10.43 21.70 0.06
CA HIS A 268 -10.77 21.81 1.48
C HIS A 268 -11.18 20.47 2.07
N LEU A 269 -11.74 19.58 1.26
CA LEU A 269 -12.12 18.25 1.76
C LEU A 269 -10.92 17.33 1.91
N LEU A 270 -9.80 17.64 1.29
CA LEU A 270 -8.62 16.79 1.32
C LEU A 270 -7.48 17.42 2.09
N ALA A 271 -7.77 18.42 2.94
CA ALA A 271 -6.71 19.13 3.64
C ALA A 271 -5.88 18.19 4.51
N ALA A 272 -6.54 17.19 5.13
CA ALA A 272 -5.83 16.28 6.02
C ALA A 272 -4.82 15.42 5.28
N LEU A 273 -4.87 15.38 3.95
CA LEU A 273 -3.87 14.63 3.20
C LEU A 273 -2.47 15.21 3.37
N GLU A 274 -2.35 16.42 3.91
CA GLU A 274 -1.03 16.97 4.17
C GLU A 274 -0.25 16.11 5.16
N ASP A 275 -0.93 15.28 5.95
CA ASP A 275 -0.28 14.41 6.91
C ASP A 275 0.14 13.07 6.32
N VAL A 276 -0.08 12.87 5.03
CA VAL A 276 0.19 11.58 4.39
C VAL A 276 1.58 11.60 3.78
N SER A 277 2.42 10.66 4.21
CA SER A 277 3.69 10.36 3.56
C SER A 277 3.96 8.89 3.78
N PHE A 278 4.61 8.26 2.80
CA PHE A 278 5.01 6.86 2.96
C PHE A 278 6.34 6.65 2.26
N THR A 279 7.09 5.67 2.78
CA THR A 279 8.49 5.44 2.41
C THR A 279 8.67 5.30 0.90
N SER A 280 7.82 4.53 0.25
CA SER A 280 7.99 4.24 -1.18
C SER A 280 7.37 5.29 -2.09
N TYR A 281 7.05 6.49 -1.56
CA TYR A 281 6.32 7.48 -2.34
C TYR A 281 6.92 7.74 -3.72
N PHE A 282 8.24 7.87 -3.80
CA PHE A 282 8.90 8.22 -5.05
C PHE A 282 9.42 7.01 -5.81
N GLU A 283 9.00 5.81 -5.43
CA GLU A 283 9.56 4.61 -6.06
C GLU A 283 9.37 4.68 -7.58
N PRO A 284 10.44 4.52 -8.37
CA PRO A 284 10.38 4.92 -9.78
C PRO A 284 9.66 3.96 -10.72
N THR A 285 9.64 2.66 -10.43
CA THR A 285 8.98 1.74 -11.35
C THR A 285 7.48 1.93 -11.33
N ALA A 286 6.89 2.15 -10.16
CA ALA A 286 5.45 2.42 -10.10
C ALA A 286 5.08 3.66 -10.91
N MET A 287 5.86 4.73 -10.76
CA MET A 287 5.54 5.94 -11.51
C MET A 287 5.77 5.74 -13.00
N ALA A 288 6.79 4.99 -13.39
CA ALA A 288 6.98 4.68 -14.81
C ALA A 288 5.79 3.93 -15.37
N ALA A 289 5.28 2.94 -14.63
CA ALA A 289 4.14 2.18 -15.14
C ALA A 289 2.90 3.06 -15.23
N ALA A 290 2.70 3.93 -14.24
CA ALA A 290 1.50 4.77 -14.24
C ALA A 290 1.56 5.83 -15.34
N THR A 291 2.69 6.52 -15.48
CA THR A 291 2.76 7.55 -16.51
C THR A 291 2.58 6.97 -17.91
N THR A 292 3.21 5.81 -18.17
CA THR A 292 3.13 5.18 -19.47
C THR A 292 1.72 4.68 -19.76
N THR A 293 1.11 4.01 -18.77
CA THR A 293 -0.24 3.48 -18.96
C THR A 293 -1.27 4.59 -19.07
N LEU A 294 -1.18 5.59 -18.20
CA LEU A 294 -2.15 6.67 -18.21
C LEU A 294 -2.12 7.43 -19.53
N ARG A 295 -0.94 7.61 -20.10
CA ARG A 295 -0.85 8.30 -21.39
C ARG A 295 -1.71 7.61 -22.44
N ARG A 296 -1.70 6.28 -22.44
CA ARG A 296 -2.50 5.53 -23.41
C ARG A 296 -3.98 5.50 -23.03
N MET A 297 -4.29 5.30 -21.75
CA MET A 297 -5.68 5.32 -21.33
C MET A 297 -6.31 6.69 -21.54
N ALA A 298 -5.51 7.76 -21.45
CA ALA A 298 -6.07 9.11 -21.64
C ALA A 298 -6.52 9.38 -23.07
N THR A 299 -6.11 8.56 -24.03
CA THR A 299 -6.59 8.73 -25.40
C THR A 299 -7.96 8.13 -25.61
N GLY A 300 -8.41 7.24 -24.71
CA GLY A 300 -9.63 6.50 -24.92
C GLY A 300 -9.54 5.35 -25.89
N GLU A 301 -8.40 5.19 -26.57
CA GLU A 301 -8.29 4.15 -27.59
C GLU A 301 -8.31 2.74 -27.03
N PRO A 302 -7.57 2.40 -25.97
CA PRO A 302 -7.68 1.04 -25.43
C PRO A 302 -9.09 0.68 -25.03
N GLN A 303 -9.81 1.62 -24.40
CA GLN A 303 -11.15 1.30 -23.95
C GLN A 303 -12.09 1.05 -25.12
N GLN A 304 -11.89 1.75 -26.23
CA GLN A 304 -12.73 1.50 -27.41
C GLN A 304 -12.42 0.14 -28.02
N ALA A 305 -11.15 -0.25 -28.08
CA ALA A 305 -10.80 -1.56 -28.62
C ALA A 305 -11.35 -2.68 -27.75
N ILE A 306 -11.19 -2.54 -26.42
CA ILE A 306 -11.70 -3.55 -25.49
C ILE A 306 -13.21 -3.66 -25.62
N ARG A 307 -13.90 -2.52 -25.68
CA ARG A 307 -15.36 -2.54 -25.77
C ARG A 307 -15.81 -3.34 -27.00
N ALA A 308 -15.20 -3.09 -28.15
CA ALA A 308 -15.60 -3.77 -29.38
C ALA A 308 -15.32 -5.26 -29.30
N ALA A 309 -14.14 -5.65 -28.84
CA ALA A 309 -13.78 -7.06 -28.79
C ALA A 309 -14.61 -7.80 -27.75
N GLY A 310 -14.72 -7.22 -26.56
CA GLY A 310 -15.53 -7.86 -25.53
C GLY A 310 -16.99 -7.97 -25.91
N ASP A 311 -17.52 -6.95 -26.60
CA ASP A 311 -18.91 -7.02 -27.08
C ASP A 311 -19.10 -8.19 -28.03
N ARG A 312 -18.13 -8.43 -28.92
CA ARG A 312 -18.20 -9.58 -29.81
C ARG A 312 -18.26 -10.88 -29.02
N PHE A 313 -17.40 -11.01 -28.01
CA PHE A 313 -17.40 -12.21 -27.19
C PHE A 313 -18.71 -12.38 -26.44
N ILE A 314 -19.25 -11.28 -25.89
CA ILE A 314 -20.50 -11.35 -25.14
C ILE A 314 -21.64 -11.83 -26.04
N ALA A 315 -21.72 -11.25 -27.25
CA ALA A 315 -22.82 -11.60 -28.14
C ALA A 315 -22.74 -13.06 -28.54
N HIS A 316 -21.54 -13.54 -28.85
CA HIS A 316 -21.37 -14.95 -29.22
C HIS A 316 -21.77 -15.85 -28.06
N THR A 317 -21.34 -15.51 -26.85
CA THR A 317 -21.55 -16.39 -25.71
C THR A 317 -23.02 -16.42 -25.31
N ARG A 318 -23.67 -15.25 -25.29
CA ARG A 318 -25.10 -15.19 -24.97
C ARG A 318 -25.89 -16.10 -25.90
N ALA A 319 -25.58 -16.04 -27.20
CA ALA A 319 -26.30 -16.84 -28.17
C ALA A 319 -25.96 -18.32 -28.05
N ALA A 320 -24.68 -18.64 -27.79
CA ALA A 320 -24.28 -20.04 -27.63
C ALA A 320 -25.11 -20.70 -26.53
N PHE A 321 -25.22 -20.04 -25.38
CA PHE A 321 -25.99 -20.62 -24.29
C PHE A 321 -27.48 -20.63 -24.59
N ALA A 322 -28.02 -19.52 -25.11
CA ALA A 322 -29.45 -19.45 -25.37
C ALA A 322 -29.88 -20.50 -26.38
N ASN A 323 -29.07 -20.73 -27.41
CA ASN A 323 -29.41 -21.69 -28.46
C ASN A 323 -29.24 -23.13 -28.04
N ALA A 324 -28.71 -23.38 -26.84
CA ALA A 324 -28.53 -24.74 -26.34
C ALA A 324 -29.31 -24.98 -25.07
N GLY A 325 -30.22 -24.08 -24.68
CA GLY A 325 -31.01 -24.24 -23.48
C GLY A 325 -30.25 -24.06 -22.18
N VAL A 326 -29.04 -23.52 -22.23
CA VAL A 326 -28.22 -23.36 -21.05
C VAL A 326 -28.64 -22.07 -20.35
N PRO A 327 -29.10 -22.13 -19.06
CA PRO A 327 -29.64 -20.93 -18.38
C PRO A 327 -28.56 -20.05 -17.77
N ILE A 328 -27.82 -19.40 -18.66
CA ILE A 328 -26.79 -18.44 -18.31
C ILE A 328 -26.90 -17.28 -19.28
N ASP A 329 -27.00 -16.07 -18.75
CA ASP A 329 -26.97 -14.86 -19.54
C ASP A 329 -25.77 -14.02 -19.10
N LEU A 330 -25.63 -12.84 -19.70
CA LEU A 330 -24.55 -11.92 -19.37
C LEU A 330 -25.11 -10.52 -19.17
N ALA A 331 -24.46 -9.77 -18.29
CA ALA A 331 -24.77 -8.37 -18.06
C ALA A 331 -23.50 -7.56 -18.27
N GLY A 332 -23.66 -6.28 -18.59
CA GLY A 332 -22.53 -5.40 -18.81
C GLY A 332 -22.17 -5.25 -20.28
N ASN A 333 -20.90 -4.89 -20.52
CA ASN A 333 -20.42 -4.65 -21.87
C ASN A 333 -18.99 -5.16 -22.00
N GLY A 334 -18.39 -4.91 -23.17
CA GLY A 334 -17.07 -5.46 -23.45
C GLY A 334 -16.00 -5.03 -22.47
N ASN A 335 -16.14 -3.84 -21.87
CA ASN A 335 -15.13 -3.36 -20.92
C ASN A 335 -15.25 -4.06 -19.58
N LEU A 336 -16.46 -4.42 -19.17
CA LEU A 336 -16.70 -5.00 -17.86
C LEU A 336 -18.06 -5.68 -17.92
N PHE A 337 -18.07 -7.00 -17.71
CA PHE A 337 -19.29 -7.77 -17.85
C PHE A 337 -19.32 -8.86 -16.79
N GLN A 338 -20.45 -9.57 -16.69
CA GLN A 338 -20.50 -10.70 -15.78
C GLN A 338 -21.47 -11.74 -16.32
N PHE A 339 -21.29 -12.97 -15.84
CA PHE A 339 -22.24 -14.04 -16.10
C PHE A 339 -23.33 -14.05 -15.04
N VAL A 340 -24.55 -14.31 -15.48
CA VAL A 340 -25.72 -14.42 -14.61
C VAL A 340 -26.24 -15.84 -14.79
N CYS A 341 -26.08 -16.69 -13.79
CA CYS A 341 -26.47 -18.09 -13.87
C CYS A 341 -27.77 -18.31 -13.11
N ALA A 342 -28.52 -19.34 -13.53
CA ALA A 342 -29.81 -19.58 -12.90
C ALA A 342 -29.69 -19.78 -11.39
N ASP A 343 -28.67 -20.51 -10.95
CA ASP A 343 -28.48 -20.82 -9.54
C ASP A 343 -27.01 -21.21 -9.32
N ASP A 344 -26.68 -21.53 -8.07
CA ASP A 344 -25.28 -21.81 -7.73
C ASP A 344 -24.80 -23.14 -8.32
N GLU A 345 -25.70 -24.11 -8.51
CA GLU A 345 -25.29 -25.36 -9.14
C GLU A 345 -24.87 -25.12 -10.58
N VAL A 346 -25.66 -24.34 -11.32
CA VAL A 346 -25.31 -23.96 -12.69
C VAL A 346 -24.01 -23.19 -12.71
N ALA A 347 -23.84 -22.24 -11.78
CA ALA A 347 -22.60 -21.47 -11.75
C ALA A 347 -21.40 -22.36 -11.50
N ASP A 348 -21.49 -23.29 -10.53
CA ASP A 348 -20.38 -24.18 -10.24
C ASP A 348 -20.04 -25.03 -11.46
N ALA A 349 -21.05 -25.55 -12.16
CA ALA A 349 -20.81 -26.37 -13.34
C ALA A 349 -20.21 -25.54 -14.47
N PHE A 350 -20.69 -24.32 -14.64
CA PHE A 350 -20.13 -23.42 -15.63
C PHE A 350 -18.65 -23.13 -15.33
N HIS A 351 -18.34 -22.82 -14.08
CA HIS A 351 -16.95 -22.51 -13.74
C HIS A 351 -16.03 -23.70 -13.97
N ALA A 352 -16.49 -24.91 -13.64
CA ALA A 352 -15.68 -26.10 -13.87
C ALA A 352 -15.46 -26.33 -15.36
N ALA A 353 -16.52 -26.15 -16.16
CA ALA A 353 -16.40 -26.34 -17.60
C ALA A 353 -15.51 -25.29 -18.23
N ALA A 354 -15.61 -24.03 -17.76
CA ALA A 354 -14.77 -22.97 -18.29
C ALA A 354 -13.29 -23.24 -18.01
N ALA A 355 -12.98 -23.62 -16.78
CA ALA A 355 -11.59 -23.92 -16.45
C ALA A 355 -11.06 -25.09 -17.28
N ALA A 356 -11.91 -26.09 -17.55
CA ALA A 356 -11.48 -27.24 -18.34
C ALA A 356 -11.09 -26.84 -19.76
N GLU A 357 -11.65 -25.76 -20.29
CA GLU A 357 -11.31 -25.24 -21.60
C GLU A 357 -10.24 -24.15 -21.53
N GLY A 358 -9.71 -23.85 -20.36
CA GLY A 358 -8.69 -22.82 -20.27
C GLY A 358 -9.21 -21.41 -20.33
N LEU A 359 -10.47 -21.19 -20.01
CA LEU A 359 -10.99 -19.83 -19.83
C LEU A 359 -10.78 -19.45 -18.37
N LEU A 360 -10.05 -18.37 -18.13
CA LEU A 360 -9.80 -17.90 -16.76
C LEU A 360 -10.75 -16.74 -16.46
N PHE A 361 -11.86 -17.04 -15.81
CA PHE A 361 -12.83 -16.04 -15.39
C PHE A 361 -12.62 -15.70 -13.92
N PHE A 362 -13.02 -14.48 -13.54
CA PHE A 362 -13.12 -14.07 -12.14
C PHE A 362 -14.46 -14.62 -11.66
N GLU A 363 -14.41 -15.75 -10.97
CA GLU A 363 -15.62 -16.54 -10.73
C GLU A 363 -16.61 -15.79 -9.85
N GLY A 364 -17.86 -15.67 -10.33
CA GLY A 364 -18.90 -15.01 -9.60
C GLY A 364 -18.78 -13.51 -9.54
N ASP A 365 -17.87 -12.92 -10.30
CA ASP A 365 -17.58 -11.50 -10.20
C ASP A 365 -17.52 -10.98 -11.63
N ASN A 366 -16.89 -9.83 -11.83
CA ASN A 366 -16.89 -9.23 -13.17
C ASN A 366 -15.68 -9.67 -13.98
N GLN A 367 -15.88 -9.74 -15.29
CA GLN A 367 -14.85 -10.02 -16.26
C GLN A 367 -14.42 -8.70 -16.88
N THR A 368 -13.10 -8.51 -17.03
CA THR A 368 -12.54 -7.24 -17.49
C THR A 368 -11.43 -7.54 -18.48
N PRO A 369 -11.74 -7.66 -19.76
CA PRO A 369 -10.69 -7.91 -20.75
C PRO A 369 -9.71 -6.76 -20.82
N SER A 370 -8.49 -7.07 -21.29
CA SER A 370 -7.48 -6.08 -21.55
C SER A 370 -7.42 -5.77 -23.04
N ALA A 371 -6.64 -4.75 -23.39
CA ALA A 371 -6.47 -4.41 -24.80
C ALA A 371 -5.78 -5.51 -25.60
N ALA A 372 -5.17 -6.49 -24.94
CA ALA A 372 -4.62 -7.64 -25.63
C ALA A 372 -5.69 -8.63 -26.06
N PHE A 373 -6.95 -8.40 -25.68
CA PHE A 373 -8.06 -9.26 -26.11
C PHE A 373 -8.46 -8.77 -27.50
N THR A 374 -7.68 -9.21 -28.49
CA THR A 374 -7.84 -8.82 -29.89
C THR A 374 -8.75 -9.84 -30.61
N ASP A 375 -9.01 -9.56 -31.89
CA ASP A 375 -9.94 -10.41 -32.65
C ASP A 375 -9.48 -11.86 -32.68
N GLU A 376 -8.18 -12.10 -32.78
CA GLU A 376 -7.68 -13.47 -32.76
C GLU A 376 -7.97 -14.15 -31.43
N VAL A 377 -7.81 -13.42 -30.32
CA VAL A 377 -8.12 -13.97 -29.01
C VAL A 377 -9.63 -14.15 -28.84
N VAL A 378 -10.42 -13.20 -29.34
CA VAL A 378 -11.87 -13.34 -29.32
C VAL A 378 -12.28 -14.65 -29.99
N GLU A 379 -11.72 -14.93 -31.16
CA GLU A 379 -12.10 -16.15 -31.88
C GLU A 379 -11.73 -17.39 -31.09
N ASP A 380 -10.53 -17.42 -30.51
CA ASP A 380 -10.14 -18.52 -29.64
C ASP A 380 -11.11 -18.68 -28.47
N ALA A 381 -11.42 -17.56 -27.80
CA ALA A 381 -12.31 -17.62 -26.64
C ALA A 381 -13.70 -18.11 -27.02
N CYS A 382 -14.18 -17.74 -28.22
CA CYS A 382 -15.51 -18.17 -28.65
C CYS A 382 -15.56 -19.68 -28.89
N GLY A 383 -14.48 -20.25 -29.44
CA GLY A 383 -14.42 -21.70 -29.58
C GLY A 383 -14.42 -22.40 -28.25
N ARG A 384 -13.68 -21.86 -27.28
CA ARG A 384 -13.69 -22.42 -25.93
C ARG A 384 -15.08 -22.35 -25.32
N ILE A 385 -15.79 -21.23 -25.51
CA ILE A 385 -17.17 -21.10 -25.04
C ILE A 385 -18.08 -22.11 -25.73
N ASP A 386 -17.85 -22.38 -27.01
CA ASP A 386 -18.63 -23.41 -27.68
C ASP A 386 -18.49 -24.75 -26.97
N ARG A 387 -17.27 -25.05 -26.50
CA ARG A 387 -17.06 -26.31 -25.79
C ARG A 387 -17.67 -26.27 -24.39
N VAL A 388 -17.61 -25.10 -23.71
CA VAL A 388 -18.30 -24.94 -22.43
C VAL A 388 -19.80 -25.18 -22.60
N SER A 389 -20.39 -24.54 -23.60
CA SER A 389 -21.82 -24.71 -23.86
C SER A 389 -22.16 -26.18 -24.13
N ALA A 390 -21.32 -26.85 -24.93
CA ALA A 390 -21.54 -28.28 -25.19
C ALA A 390 -21.49 -29.10 -23.90
N ALA A 391 -20.52 -28.81 -23.03
CA ALA A 391 -20.42 -29.54 -21.77
C ALA A 391 -21.66 -29.34 -20.91
N LEU A 392 -22.27 -28.16 -20.97
CA LEU A 392 -23.43 -27.87 -20.13
C LEU A 392 -24.76 -28.24 -20.76
N THR A 393 -24.84 -28.40 -22.08
CA THR A 393 -26.13 -28.62 -22.71
C THR A 393 -26.76 -29.92 -22.23
N GLY A 394 -28.05 -29.86 -21.93
CA GLY A 394 -28.79 -31.00 -21.44
C GLY A 394 -28.79 -31.18 -19.95
N ARG A 395 -27.96 -30.44 -19.21
CA ARG A 395 -27.92 -30.60 -17.76
C ARG A 395 -28.95 -29.76 -17.03
N PHE A 396 -29.26 -28.56 -17.54
CA PHE A 396 -30.04 -27.58 -16.78
C PHE A 396 -31.14 -26.95 -17.62
N THR A 397 -31.60 -27.64 -18.67
CA THR A 397 -32.51 -27.04 -19.64
C THR A 397 -33.83 -26.62 -19.02
N ASP A 398 -34.27 -27.31 -17.97
CA ASP A 398 -35.56 -27.01 -17.37
C ASP A 398 -35.49 -25.89 -16.35
N ARG A 399 -34.33 -25.26 -16.20
CA ARG A 399 -34.16 -24.14 -15.28
C ARG A 399 -34.14 -22.83 -16.04
N GLU A 400 -34.50 -21.76 -15.35
CA GLU A 400 -34.56 -20.44 -15.94
C GLU A 400 -33.97 -19.42 -14.98
N LEU A 401 -33.43 -18.36 -15.54
CA LEU A 401 -33.06 -17.20 -14.74
C LEU A 401 -34.32 -16.57 -14.17
N THR A 402 -34.31 -16.30 -12.87
CA THR A 402 -35.39 -15.61 -12.19
C THR A 402 -34.86 -14.27 -11.69
N GLU A 403 -35.77 -13.48 -11.12
CA GLU A 403 -35.35 -12.26 -10.44
C GLU A 403 -34.31 -12.57 -9.37
N GLU A 404 -34.46 -13.71 -8.69
CA GLU A 404 -33.49 -14.10 -7.67
C GLU A 404 -32.12 -14.34 -8.27
N SER A 405 -32.06 -14.94 -9.47
CA SER A 405 -30.78 -15.15 -10.15
C SER A 405 -30.09 -13.82 -10.40
N TRP A 406 -30.83 -12.83 -10.90
CA TRP A 406 -30.25 -11.53 -11.20
C TRP A 406 -29.74 -10.84 -9.95
N TYR A 407 -30.55 -10.82 -8.87
CA TYR A 407 -30.11 -10.18 -7.65
C TYR A 407 -28.88 -10.86 -7.07
N ALA A 408 -28.86 -12.20 -7.06
CA ALA A 408 -27.72 -12.92 -6.50
C ALA A 408 -26.47 -12.70 -7.33
N SER A 409 -26.60 -12.71 -8.65
CA SER A 409 -25.44 -12.51 -9.51
C SER A 409 -24.90 -11.08 -9.36
N ALA A 410 -25.79 -10.10 -9.37
CA ALA A 410 -25.37 -8.71 -9.24
C ALA A 410 -24.68 -8.46 -7.90
N TRP A 411 -25.25 -9.02 -6.83
CA TRP A 411 -24.69 -8.88 -5.49
C TRP A 411 -23.24 -9.32 -5.44
N GLY A 412 -22.90 -10.42 -6.09
CA GLY A 412 -21.53 -10.89 -6.07
C GLY A 412 -20.56 -10.00 -6.81
N ALA A 413 -21.01 -9.32 -7.86
CA ALA A 413 -20.11 -8.55 -8.71
C ALA A 413 -20.03 -7.07 -8.34
N MET A 414 -21.15 -6.47 -7.93
CA MET A 414 -21.14 -5.05 -7.59
C MET A 414 -21.51 -4.76 -6.14
N ASP A 415 -21.72 -5.78 -5.31
CA ASP A 415 -21.69 -5.65 -3.86
C ASP A 415 -22.89 -4.90 -3.29
N GLY A 416 -23.99 -4.93 -4.00
CA GLY A 416 -25.23 -4.39 -3.48
C GLY A 416 -26.41 -4.82 -4.32
N LEU A 417 -27.48 -4.03 -4.27
CA LEU A 417 -28.74 -4.36 -4.91
C LEU A 417 -28.81 -3.81 -6.34
N ALA A 418 -29.14 -4.68 -7.28
CA ALA A 418 -29.42 -4.25 -8.64
C ALA A 418 -30.59 -3.27 -8.64
N ASP A 419 -30.62 -2.39 -9.64
CA ASP A 419 -31.68 -1.38 -9.75
C ASP A 419 -32.87 -1.98 -10.47
N ARG A 420 -33.67 -2.73 -9.73
CA ARG A 420 -34.90 -3.33 -10.22
C ARG A 420 -36.03 -2.92 -9.30
N PRO A 421 -37.26 -2.78 -9.83
CA PRO A 421 -38.36 -2.22 -9.04
C PRO A 421 -38.72 -3.10 -7.84
N ARG A 422 -38.90 -2.47 -6.69
CA ARG A 422 -39.25 -3.19 -5.47
C ARG A 422 -39.72 -2.19 -4.43
N THR A 423 -40.49 -2.70 -3.46
CA THR A 423 -40.95 -1.92 -2.32
C THR A 423 -39.91 -1.99 -1.19
N ARG A 424 -40.14 -1.17 -0.17
CA ARG A 424 -39.23 -1.16 0.98
C ARG A 424 -39.24 -2.50 1.71
N GLU A 425 -40.39 -3.18 1.78
CA GLU A 425 -40.46 -4.48 2.42
C GLU A 425 -39.78 -5.55 1.57
N GLU A 426 -39.89 -5.44 0.25
CA GLU A 426 -39.20 -6.39 -0.63
C GLU A 426 -37.70 -6.23 -0.54
N THR A 427 -37.22 -4.99 -0.37
CA THR A 427 -35.80 -4.76 -0.13
C THR A 427 -35.32 -5.54 1.09
N THR A 428 -36.09 -5.47 2.19
CA THR A 428 -35.73 -6.21 3.40
C THR A 428 -35.63 -7.71 3.12
N ALA A 429 -36.56 -8.23 2.32
CA ALA A 429 -36.57 -9.67 2.06
C ALA A 429 -35.40 -10.09 1.19
N ILE A 430 -35.08 -9.31 0.15
CA ILE A 430 -33.94 -9.64 -0.69
C ILE A 430 -32.66 -9.61 0.13
N VAL A 431 -32.49 -8.56 0.94
CA VAL A 431 -31.29 -8.44 1.76
C VAL A 431 -31.19 -9.62 2.73
N GLU A 432 -32.33 -10.04 3.28
CA GLU A 432 -32.34 -11.18 4.19
C GLU A 432 -31.83 -12.45 3.51
N ARG A 433 -32.14 -12.62 2.22
CA ARG A 433 -31.65 -13.79 1.49
C ARG A 433 -30.16 -13.70 1.20
N LEU A 434 -29.67 -12.50 0.90
CA LEU A 434 -28.33 -12.36 0.36
C LEU A 434 -27.28 -11.94 1.39
N TRP A 435 -27.70 -11.35 2.51
CA TRP A 435 -26.73 -10.90 3.50
C TRP A 435 -26.16 -12.10 4.25
N GLU A 436 -24.84 -12.17 4.32
CA GLU A 436 -24.18 -13.26 5.03
C GLU A 436 -23.76 -12.84 6.42
N LYS B 29 1.35 23.18 -5.43
CA LYS B 29 -0.05 23.60 -5.42
C LYS B 29 -0.99 22.46 -5.80
N LEU B 30 -0.47 21.53 -6.61
CA LEU B 30 -1.30 20.45 -7.11
C LEU B 30 -1.37 19.29 -6.11
N LEU B 31 -0.28 19.01 -5.42
CA LEU B 31 -0.18 17.84 -4.56
C LEU B 31 -0.79 18.13 -3.19
N ALA B 32 -1.77 17.31 -2.79
CA ALA B 32 -2.44 17.47 -1.51
C ALA B 32 -1.66 16.86 -0.36
N GLN B 33 -0.67 16.02 -0.65
CA GLN B 33 0.11 15.36 0.37
C GLN B 33 1.42 16.10 0.56
N GLU B 34 2.11 15.77 1.66
CA GLU B 34 3.41 16.36 1.97
C GLU B 34 4.43 15.25 2.17
N PRO B 35 4.93 14.67 1.08
CA PRO B 35 5.82 13.50 1.21
C PRO B 35 7.16 13.91 1.81
N THR B 36 7.71 13.03 2.65
CA THR B 36 9.04 13.24 3.18
C THR B 36 10.07 13.05 2.07
N CYS B 37 10.98 14.01 1.93
CA CYS B 37 12.01 13.94 0.91
C CYS B 37 13.06 15.01 1.23
N PRO B 38 14.25 14.93 0.62
CA PRO B 38 15.22 16.00 0.80
C PRO B 38 14.66 17.31 0.28
N ARG B 39 14.87 18.37 1.06
CA ARG B 39 14.38 19.69 0.74
C ARG B 39 15.50 20.69 0.93
N ASP B 40 15.50 21.75 0.12
CA ASP B 40 16.50 22.79 0.24
C ASP B 40 16.18 23.69 1.44
N ALA B 41 17.05 24.68 1.68
CA ALA B 41 16.87 25.55 2.84
C ALA B 41 15.55 26.30 2.82
N ASP B 42 14.94 26.46 1.64
CA ASP B 42 13.64 27.10 1.50
C ASP B 42 12.48 26.14 1.58
N GLY B 43 12.73 24.87 1.90
CA GLY B 43 11.67 23.88 2.02
C GLY B 43 11.21 23.25 0.73
N ARG B 44 11.87 23.57 -0.43
CA ARG B 44 11.41 22.99 -1.68
C ARG B 44 12.11 21.66 -1.94
N PRO B 45 11.39 20.65 -2.43
CA PRO B 45 12.02 19.35 -2.67
C PRO B 45 13.22 19.47 -3.60
N ARG B 46 14.31 18.82 -3.21
CA ARG B 46 15.47 18.73 -4.07
C ARG B 46 15.16 17.75 -5.19
N VAL B 47 15.44 18.14 -6.43
CA VAL B 47 15.15 17.30 -7.58
C VAL B 47 16.40 16.51 -7.91
N PHE B 48 16.24 15.20 -8.10
CA PHE B 48 17.29 14.36 -8.63
C PHE B 48 16.75 13.62 -9.85
N VAL B 49 17.48 13.72 -10.96
CA VAL B 49 16.97 13.25 -12.25
C VAL B 49 17.42 11.84 -12.58
N GLU B 50 18.41 11.30 -11.87
CA GLU B 50 18.84 9.93 -12.04
C GLU B 50 19.67 9.52 -10.84
N GLY B 51 19.85 8.22 -10.68
CA GLY B 51 20.70 7.69 -9.63
C GLY B 51 21.18 6.31 -9.99
N SER B 52 22.33 5.94 -9.44
CA SER B 52 22.88 4.61 -9.66
C SER B 52 23.86 4.33 -8.54
N GLY B 53 23.69 3.17 -7.90
CA GLY B 53 24.55 2.79 -6.79
C GLY B 53 24.35 3.72 -5.61
N ALA B 54 25.40 4.45 -5.24
CA ALA B 54 25.36 5.41 -4.16
C ALA B 54 25.24 6.85 -4.62
N TYR B 55 25.17 7.10 -5.93
CA TYR B 55 25.25 8.46 -6.46
C TYR B 55 23.95 8.89 -7.13
N LEU B 56 23.50 10.10 -6.77
CA LEU B 56 22.37 10.76 -7.41
C LEU B 56 22.89 11.94 -8.21
N THR B 57 22.20 12.29 -9.29
CA THR B 57 22.58 13.42 -10.15
C THR B 57 21.45 14.44 -10.14
N ASP B 58 21.79 15.70 -9.87
CA ASP B 58 20.83 16.79 -9.84
C ASP B 58 20.69 17.42 -11.23
N PRO B 59 19.74 18.33 -11.43
CA PRO B 59 19.52 18.88 -12.79
C PRO B 59 20.72 19.59 -13.37
N ASP B 60 21.69 20.01 -12.57
CA ASP B 60 22.89 20.67 -13.05
C ASP B 60 24.04 19.70 -13.29
N GLY B 61 23.81 18.40 -13.15
CA GLY B 61 24.84 17.41 -13.39
C GLY B 61 25.73 17.08 -12.22
N ARG B 62 25.51 17.69 -11.05
CA ARG B 62 26.34 17.44 -9.89
C ARG B 62 25.94 16.12 -9.23
N ARG B 63 26.94 15.34 -8.84
CA ARG B 63 26.74 14.01 -8.25
C ARG B 63 26.83 14.09 -6.73
N TRP B 64 25.83 13.52 -6.06
CA TRP B 64 25.74 13.51 -4.61
C TRP B 64 25.80 12.08 -4.11
N ILE B 65 26.33 11.87 -2.91
CA ILE B 65 26.34 10.55 -2.29
C ILE B 65 25.11 10.43 -1.41
N ASP B 66 24.31 9.37 -1.66
CA ASP B 66 23.03 9.19 -0.99
C ASP B 66 23.22 8.40 0.31
N PHE B 67 22.88 9.03 1.44
CA PHE B 67 22.78 8.36 2.72
C PHE B 67 21.34 8.16 3.17
N ASP B 68 20.39 8.75 2.45
CA ASP B 68 18.95 8.64 2.73
C ASP B 68 18.39 7.35 2.14
N ASN B 69 18.60 7.13 0.85
CA ASN B 69 18.33 5.83 0.21
C ASN B 69 16.85 5.47 0.36
N ALA B 70 16.00 6.39 -0.07
CA ALA B 70 14.55 6.22 0.02
C ALA B 70 14.14 5.86 1.45
N ARG B 71 14.58 6.69 2.39
CA ARG B 71 14.26 6.50 3.81
C ARG B 71 14.71 5.13 4.32
N GLY B 72 15.82 4.63 3.80
CA GLY B 72 16.38 3.36 4.25
C GLY B 72 15.84 2.13 3.56
N SER B 73 15.04 2.29 2.51
CA SER B 73 14.50 1.13 1.80
C SER B 73 15.39 0.66 0.65
N VAL B 74 16.31 1.49 0.17
CA VAL B 74 17.27 1.04 -0.84
C VAL B 74 18.49 0.57 -0.06
N VAL B 75 18.57 -0.73 0.16
CA VAL B 75 19.66 -1.30 0.95
C VAL B 75 20.70 -2.00 0.08
N LEU B 76 20.36 -2.38 -1.15
CA LEU B 76 21.37 -2.94 -2.05
C LEU B 76 22.03 -1.87 -2.89
N GLY B 77 21.32 -0.81 -3.22
CA GLY B 77 21.84 0.27 -4.05
C GLY B 77 20.89 0.60 -5.20
N HIS B 78 20.88 1.86 -5.60
CA HIS B 78 20.01 2.29 -6.68
C HIS B 78 20.36 1.55 -7.98
N GLY B 79 19.34 1.03 -8.65
CA GLY B 79 19.57 0.35 -9.91
C GLY B 79 20.35 -0.93 -9.82
N ASP B 80 20.41 -1.56 -8.64
CA ASP B 80 21.08 -2.84 -8.46
C ASP B 80 20.75 -3.75 -9.63
N GLU B 81 21.79 -4.29 -10.28
CA GLU B 81 21.57 -4.91 -11.58
C GLU B 81 20.81 -6.23 -11.48
N GLU B 82 21.10 -7.04 -10.45
CA GLU B 82 20.39 -8.31 -10.32
C GLU B 82 18.91 -8.08 -10.09
N VAL B 83 18.56 -7.13 -9.22
CA VAL B 83 17.17 -6.78 -9.02
C VAL B 83 16.57 -6.21 -10.30
N ALA B 84 17.32 -5.34 -10.99
CA ALA B 84 16.80 -4.72 -12.20
C ALA B 84 16.46 -5.76 -13.26
N GLU B 85 17.35 -6.75 -13.45
CA GLU B 85 17.09 -7.78 -14.45
C GLU B 85 15.87 -8.62 -14.08
N ALA B 86 15.69 -8.88 -12.78
CA ALA B 86 14.53 -9.64 -12.33
C ALA B 86 13.25 -8.83 -12.51
N ILE B 87 13.30 -7.53 -12.18
CA ILE B 87 12.15 -6.66 -12.39
C ILE B 87 11.78 -6.60 -13.87
N ALA B 88 12.79 -6.49 -14.74
CA ALA B 88 12.52 -6.38 -16.17
C ALA B 88 11.85 -7.64 -16.70
N ARG B 89 12.36 -8.82 -16.31
CA ARG B 89 11.71 -10.05 -16.75
C ARG B 89 10.29 -10.14 -16.20
N ALA B 90 10.10 -9.71 -14.94
CA ALA B 90 8.76 -9.74 -14.37
C ALA B 90 7.83 -8.79 -15.09
N ALA B 91 8.34 -7.63 -15.52
CA ALA B 91 7.53 -6.68 -16.27
C ALA B 91 7.13 -7.24 -17.64
N ARG B 92 7.86 -8.25 -18.13
CA ARG B 92 7.54 -8.88 -19.40
C ARG B 92 6.73 -10.16 -19.24
N GLY B 93 6.20 -10.42 -18.04
CA GLY B 93 5.35 -11.57 -17.80
C GLY B 93 6.07 -12.87 -17.60
N ARG B 94 7.40 -12.85 -17.51
CA ARG B 94 8.15 -14.09 -17.49
C ARG B 94 8.09 -14.84 -16.17
N SER B 95 7.74 -14.18 -15.07
CA SER B 95 7.77 -14.82 -13.76
C SER B 95 6.44 -14.68 -13.04
N GLY B 96 5.34 -14.83 -13.78
CA GLY B 96 4.02 -14.82 -13.20
C GLY B 96 3.21 -13.60 -13.64
N VAL B 97 1.93 -13.63 -13.28
CA VAL B 97 1.01 -12.56 -13.62
C VAL B 97 0.29 -12.13 -12.36
N GLY B 98 -0.18 -10.88 -12.36
CA GLY B 98 -0.92 -10.39 -11.21
C GLY B 98 -2.23 -11.11 -10.95
N THR B 99 -2.72 -11.86 -11.94
CA THR B 99 -3.97 -12.58 -11.78
C THR B 99 -3.89 -13.68 -10.73
N ALA B 100 -2.72 -14.31 -10.55
CA ALA B 100 -2.74 -15.61 -9.87
C ALA B 100 -1.46 -15.86 -9.09
N TRP B 101 -1.57 -16.82 -8.17
CA TRP B 101 -0.40 -17.33 -7.47
C TRP B 101 0.70 -17.68 -8.47
N SER B 102 1.93 -17.32 -8.15
CA SER B 102 3.05 -17.59 -9.04
C SER B 102 4.01 -18.59 -8.42
N PRO B 103 4.90 -19.20 -9.22
CA PRO B 103 5.82 -20.20 -8.65
C PRO B 103 6.73 -19.67 -7.56
N VAL B 104 7.04 -18.38 -7.52
CA VAL B 104 8.02 -17.89 -6.55
C VAL B 104 7.44 -17.45 -5.20
N LEU B 105 6.12 -17.30 -5.10
CA LEU B 105 5.56 -16.77 -3.85
C LEU B 105 5.84 -17.67 -2.65
N ASP B 106 5.74 -18.99 -2.83
CA ASP B 106 5.98 -19.89 -1.71
C ASP B 106 7.40 -19.73 -1.16
N SER B 107 8.39 -19.48 -2.04
CA SER B 107 9.76 -19.30 -1.59
C SER B 107 9.94 -18.01 -0.81
N LEU B 108 9.15 -16.98 -1.14
CA LEU B 108 9.20 -15.75 -0.38
C LEU B 108 8.63 -15.95 1.02
N LEU B 109 7.43 -16.53 1.11
CA LEU B 109 6.81 -16.78 2.40
C LEU B 109 7.68 -17.70 3.26
N GLY B 110 8.24 -18.74 2.65
CA GLY B 110 9.04 -19.69 3.40
C GLY B 110 10.30 -19.05 3.96
N GLN B 111 10.96 -18.22 3.14
CA GLN B 111 12.19 -17.60 3.63
C GLN B 111 11.91 -16.53 4.69
N LEU B 112 10.83 -15.78 4.53
CA LEU B 112 10.44 -14.84 5.59
C LEU B 112 10.27 -15.56 6.91
N GLN B 113 9.59 -16.71 6.90
CA GLN B 113 9.40 -17.47 8.13
C GLN B 113 10.72 -18.00 8.67
N GLU B 114 11.60 -18.49 7.78
CA GLU B 114 12.90 -19.00 8.23
C GLU B 114 13.75 -17.91 8.88
N VAL B 115 13.71 -16.69 8.32
CA VAL B 115 14.58 -15.62 8.80
C VAL B 115 14.00 -14.94 10.04
N CYS B 116 12.69 -14.72 10.06
CA CYS B 116 12.06 -13.93 11.11
C CYS B 116 11.29 -14.73 12.14
N GLY B 117 10.97 -16.00 11.85
CA GLY B 117 10.17 -16.82 12.75
C GLY B 117 8.68 -16.56 12.58
N GLY B 118 7.90 -17.24 13.41
CA GLY B 118 6.46 -17.07 13.45
C GLY B 118 5.72 -18.26 12.86
N ASP B 119 4.43 -18.36 13.22
CA ASP B 119 3.57 -19.43 12.71
C ASP B 119 3.13 -19.16 11.28
N VAL B 120 2.77 -17.91 10.98
CA VAL B 120 2.14 -17.53 9.72
C VAL B 120 2.76 -16.21 9.27
N VAL B 121 2.53 -15.88 8.00
CA VAL B 121 3.13 -14.71 7.36
C VAL B 121 2.06 -13.99 6.55
N GLY B 122 2.23 -12.67 6.37
CA GLY B 122 1.37 -11.91 5.49
C GLY B 122 2.18 -10.83 4.78
N LEU B 123 1.59 -10.29 3.71
CA LEU B 123 2.24 -9.29 2.87
C LEU B 123 1.35 -8.06 2.72
N TYR B 124 2.01 -6.90 2.57
CA TYR B 124 1.36 -5.59 2.42
C TYR B 124 2.18 -4.74 1.46
N ARG B 125 1.63 -3.59 1.09
CA ARG B 125 2.33 -2.69 0.17
C ARG B 125 3.08 -1.56 0.87
N THR B 126 2.75 -1.25 2.11
CA THR B 126 3.44 -0.23 2.88
C THR B 126 3.56 -0.68 4.33
N GLY B 127 4.52 -0.08 5.04
CA GLY B 127 4.58 -0.31 6.48
C GLY B 127 3.35 0.21 7.20
N THR B 128 2.81 1.35 6.76
CA THR B 128 1.61 1.90 7.37
C THR B 128 0.48 0.89 7.33
N ALA B 129 0.27 0.26 6.16
CA ALA B 129 -0.83 -0.69 6.03
C ALA B 129 -0.60 -1.91 6.88
N ALA B 130 0.64 -2.41 6.89
CA ALA B 130 0.98 -3.57 7.72
C ALA B 130 0.74 -3.28 9.19
N LEU B 131 1.20 -2.12 9.67
CA LEU B 131 1.07 -1.82 11.09
C LEU B 131 -0.39 -1.67 11.51
N ARG B 132 -1.20 -0.99 10.69
CA ARG B 132 -2.60 -0.85 11.05
C ARG B 132 -3.28 -2.21 11.07
N SER B 133 -3.02 -3.03 10.05
CA SER B 133 -3.69 -4.31 9.93
C SER B 133 -3.33 -5.23 11.09
N VAL B 134 -2.04 -5.35 11.43
CA VAL B 134 -1.69 -6.26 12.51
C VAL B 134 -2.11 -5.72 13.87
N THR B 135 -2.05 -4.41 14.07
CA THR B 135 -2.48 -3.87 15.37
C THR B 135 -3.97 -4.11 15.58
N CYS B 136 -4.78 -3.88 14.55
CA CYS B 136 -6.21 -4.17 14.66
C CYS B 136 -6.44 -5.65 14.89
N ALA B 137 -5.70 -6.51 14.19
CA ALA B 137 -5.89 -7.95 14.36
C ALA B 137 -5.56 -8.40 15.77
N VAL B 138 -4.43 -7.93 16.31
CA VAL B 138 -4.02 -8.35 17.64
C VAL B 138 -5.02 -7.88 18.69
N ARG B 139 -5.46 -6.62 18.56
CA ARG B 139 -6.44 -6.08 19.50
C ARG B 139 -7.74 -6.86 19.45
N ASP B 140 -8.17 -7.24 18.25
CA ASP B 140 -9.40 -8.04 18.12
C ASP B 140 -9.24 -9.42 18.76
N ALA B 141 -8.11 -10.07 18.52
CA ALA B 141 -7.89 -11.40 19.09
C ALA B 141 -7.79 -11.35 20.61
N ARG B 142 -7.16 -10.30 21.15
CA ARG B 142 -6.99 -10.17 22.60
C ARG B 142 -8.26 -9.70 23.30
N ASP B 143 -9.22 -9.14 22.56
CA ASP B 143 -10.45 -8.58 23.13
C ASP B 143 -10.13 -7.64 24.30
N ARG B 144 -9.17 -6.75 24.07
CA ARG B 144 -8.75 -5.75 25.04
C ARG B 144 -8.56 -4.43 24.31
N SER B 145 -8.74 -3.33 25.03
CA SER B 145 -8.93 -2.03 24.39
C SER B 145 -7.64 -1.22 24.23
N ILE B 146 -6.64 -1.40 25.08
CA ILE B 146 -5.51 -0.47 25.16
C ILE B 146 -4.31 -1.06 24.43
N VAL B 147 -3.65 -0.24 23.62
CA VAL B 147 -2.37 -0.59 22.99
C VAL B 147 -1.34 0.44 23.44
N LEU B 148 -0.24 -0.04 24.02
CA LEU B 148 0.88 0.83 24.41
C LEU B 148 1.87 0.88 23.26
N SER B 149 2.29 2.09 22.87
CA SER B 149 3.07 2.27 21.65
C SER B 149 4.25 3.20 21.88
N SER B 150 5.38 2.84 21.29
CA SER B 150 6.48 3.78 21.11
C SER B 150 7.04 3.63 19.69
N GLY B 151 7.56 4.72 19.16
CA GLY B 151 8.11 4.72 17.82
C GLY B 151 7.07 5.08 16.78
N TYR B 152 7.56 5.37 15.57
CA TYR B 152 6.69 5.69 14.46
C TYR B 152 6.18 4.41 13.81
N HIS B 153 4.88 4.40 13.47
CA HIS B 153 4.26 3.23 12.87
C HIS B 153 3.56 3.55 11.57
N GLY B 154 3.77 4.73 11.01
CA GLY B 154 3.17 5.10 9.75
C GLY B 154 2.17 6.24 9.91
N TYR B 155 1.59 6.61 8.78
CA TYR B 155 0.86 7.88 8.71
C TYR B 155 -0.62 7.76 9.10
N ASP B 156 -1.12 6.57 9.36
CA ASP B 156 -2.56 6.42 9.55
C ASP B 156 -3.02 7.21 10.77
N PRO B 157 -4.20 7.84 10.71
CA PRO B 157 -4.66 8.65 11.85
C PRO B 157 -4.86 7.89 13.14
N MET B 158 -4.92 6.55 13.13
CA MET B 158 -5.13 5.84 14.37
C MET B 158 -4.03 6.12 15.38
N TRP B 159 -2.84 6.55 14.93
CA TRP B 159 -1.71 6.82 15.81
C TRP B 159 -1.64 8.26 16.29
N HIS B 160 -2.49 9.15 15.77
CA HIS B 160 -2.40 10.56 16.13
C HIS B 160 -2.83 10.76 17.58
N CYS B 161 -2.12 11.63 18.29
CA CYS B 161 -2.53 11.94 19.65
C CYS B 161 -2.12 13.36 19.99
N ASP B 162 -2.86 13.94 20.93
CA ASP B 162 -2.63 15.31 21.36
C ASP B 162 -1.61 15.40 22.48
N GLU B 163 -1.40 14.33 23.24
CA GLU B 163 -0.47 14.34 24.36
C GLU B 163 0.01 12.92 24.59
N PRO B 164 1.20 12.75 25.16
CA PRO B 164 1.69 11.41 25.45
C PRO B 164 1.13 10.90 26.77
N PHE B 165 1.29 9.60 26.97
CA PHE B 165 1.08 8.93 28.25
C PHE B 165 -0.40 8.71 28.59
N THR B 166 -1.33 9.11 27.72
CA THR B 166 -2.77 8.93 27.92
C THR B 166 -3.37 8.35 26.65
N PRO B 167 -4.49 7.65 26.74
CA PRO B 167 -5.07 7.03 25.54
C PRO B 167 -5.59 8.07 24.55
N ASN B 168 -5.27 7.87 23.28
CA ASN B 168 -5.92 8.65 22.23
C ASN B 168 -7.32 8.08 22.00
N GLN B 169 -8.03 8.61 20.99
CA GLN B 169 -9.41 8.15 20.79
C GLN B 169 -9.47 6.74 20.23
N HIS B 170 -8.36 6.16 19.80
CA HIS B 170 -8.28 4.78 19.34
C HIS B 170 -7.74 3.84 20.42
N GLY B 171 -7.57 4.33 21.64
CA GLY B 171 -7.05 3.51 22.72
C GLY B 171 -5.55 3.32 22.71
N ILE B 172 -4.82 4.08 21.91
CA ILE B 172 -3.37 3.97 21.82
C ILE B 172 -2.74 4.90 22.85
N VAL B 173 -1.79 4.40 23.62
CA VAL B 173 -1.06 5.19 24.62
C VAL B 173 0.38 5.29 24.15
N GLU B 174 0.82 6.50 23.81
CA GLU B 174 2.21 6.75 23.45
C GLU B 174 3.05 6.83 24.73
N PHE B 175 4.10 6.01 24.85
CA PHE B 175 4.91 6.04 26.06
C PHE B 175 6.35 6.49 25.84
N LEU B 176 6.73 6.87 24.61
CA LEU B 176 8.01 7.53 24.34
C LEU B 176 9.22 6.72 24.79
N PHE B 177 9.11 5.39 24.81
CA PHE B 177 10.18 4.49 25.27
C PHE B 177 10.53 4.70 26.74
N ASP B 178 9.63 5.31 27.51
CA ASP B 178 9.89 5.50 28.93
C ASP B 178 9.34 4.30 29.70
N LEU B 179 10.24 3.55 30.35
CA LEU B 179 9.84 2.31 30.99
C LEU B 179 9.10 2.51 32.32
N ASP B 180 9.24 3.68 32.94
CA ASP B 180 8.42 3.94 34.13
C ASP B 180 6.95 4.10 33.75
N VAL B 181 6.67 4.81 32.66
CA VAL B 181 5.31 4.93 32.18
C VAL B 181 4.78 3.58 31.71
N LEU B 182 5.61 2.83 30.97
CA LEU B 182 5.20 1.51 30.52
C LEU B 182 4.84 0.62 31.71
N ALA B 183 5.70 0.62 32.73
CA ALA B 183 5.45 -0.23 33.90
C ALA B 183 4.14 0.15 34.57
N GLU B 184 3.83 1.44 34.64
CA GLU B 184 2.58 1.87 35.26
C GLU B 184 1.38 1.32 34.50
N TRP B 185 1.38 1.44 33.17
CA TRP B 185 0.28 0.90 32.40
C TRP B 185 0.20 -0.62 32.49
N LEU B 186 1.36 -1.30 32.49
CA LEU B 186 1.36 -2.75 32.58
C LEU B 186 0.99 -3.25 33.96
N SER B 187 0.93 -2.38 34.96
CA SER B 187 0.48 -2.77 36.29
C SER B 187 -1.02 -3.02 36.34
N ARG B 188 -1.76 -2.64 35.29
CA ARG B 188 -3.15 -3.03 35.08
C ARG B 188 -3.20 -3.81 33.78
N PRO B 189 -2.63 -5.02 33.76
CA PRO B 189 -2.42 -5.70 32.47
C PRO B 189 -3.70 -6.20 31.82
N GLU B 190 -4.80 -6.35 32.56
CA GLU B 190 -5.99 -6.98 32.00
C GLU B 190 -6.56 -6.20 30.82
N GLN B 191 -6.31 -4.90 30.75
CA GLN B 191 -6.88 -4.07 29.70
C GLN B 191 -5.92 -3.82 28.55
N VAL B 192 -4.70 -4.33 28.61
CA VAL B 192 -3.67 -4.02 27.62
C VAL B 192 -3.63 -5.15 26.60
N ALA B 193 -4.05 -4.84 25.37
CA ALA B 193 -4.04 -5.82 24.30
C ALA B 193 -2.61 -6.16 23.85
N ALA B 194 -1.75 -5.15 23.71
CA ALA B 194 -0.44 -5.37 23.13
C ALA B 194 0.44 -4.17 23.42
N VAL B 195 1.74 -4.37 23.26
CA VAL B 195 2.72 -3.30 23.28
C VAL B 195 3.42 -3.33 21.92
N VAL B 196 3.36 -2.22 21.20
CA VAL B 196 3.99 -2.12 19.87
C VAL B 196 5.13 -1.10 19.94
N ILE B 197 6.32 -1.51 19.55
CA ILE B 197 7.49 -0.62 19.57
C ILE B 197 8.22 -0.72 18.26
N SER B 198 8.78 0.42 17.81
CA SER B 198 9.73 0.42 16.71
C SER B 198 11.11 0.43 17.34
N PRO B 199 11.84 -0.68 17.36
CA PRO B 199 13.07 -0.76 18.14
C PRO B 199 14.16 0.14 17.57
N ASP B 200 14.77 0.93 18.44
CA ASP B 200 15.94 1.72 18.09
C ASP B 200 17.17 1.13 18.75
N HIS B 201 18.31 1.26 18.08
CA HIS B 201 19.56 0.74 18.61
C HIS B 201 20.66 1.77 18.66
N MET B 202 20.37 3.03 18.33
CA MET B 202 21.34 4.10 18.54
C MET B 202 21.32 4.58 19.98
N HIS B 203 20.13 4.62 20.60
CA HIS B 203 19.94 5.24 21.90
C HIS B 203 19.29 4.32 22.93
N LEU B 204 18.90 3.12 22.55
CA LEU B 204 18.40 2.11 23.47
C LEU B 204 19.35 0.93 23.37
N GLY B 205 19.73 0.38 24.52
CA GLY B 205 20.67 -0.71 24.57
C GLY B 205 20.21 -1.93 25.33
N GLU B 206 21.17 -2.78 25.71
CA GLU B 206 20.85 -4.02 26.38
C GLU B 206 20.04 -3.79 27.65
N ARG B 207 20.41 -2.77 28.44
CA ARG B 207 19.66 -2.51 29.67
C ARG B 207 18.19 -2.26 29.37
N TRP B 208 17.90 -1.43 28.37
CA TRP B 208 16.52 -1.05 28.07
C TRP B 208 15.72 -2.27 27.58
N TYR B 209 16.28 -3.02 26.63
CA TYR B 209 15.55 -4.15 26.06
C TYR B 209 15.34 -5.25 27.10
N THR B 210 16.33 -5.49 27.95
CA THR B 210 16.18 -6.49 28.98
C THR B 210 15.02 -6.14 29.90
N GLU B 211 14.90 -4.87 30.29
CA GLU B 211 13.83 -4.45 31.18
C GLU B 211 12.49 -4.38 30.46
N PHE B 212 12.48 -3.93 29.20
CA PHE B 212 11.24 -3.92 28.43
C PHE B 212 10.66 -5.32 28.33
N THR B 213 11.48 -6.29 27.99
CA THR B 213 10.99 -7.65 27.86
C THR B 213 10.60 -8.23 29.22
N ARG B 214 11.35 -7.89 30.28
CA ARG B 214 10.95 -8.33 31.61
C ARG B 214 9.55 -7.83 31.96
N LEU B 215 9.28 -6.55 31.70
CA LEU B 215 7.98 -5.97 32.04
C LEU B 215 6.85 -6.60 31.24
N THR B 216 7.06 -6.81 29.93
CA THR B 216 5.98 -7.32 29.10
C THR B 216 5.73 -8.80 29.36
N LYS B 217 6.80 -9.57 29.65
CA LYS B 217 6.62 -10.96 30.07
C LYS B 217 5.87 -11.04 31.38
N GLU B 218 6.21 -10.18 32.34
CA GLU B 218 5.51 -10.18 33.63
C GLU B 218 4.02 -9.91 33.46
N ALA B 219 3.68 -8.99 32.55
CA ALA B 219 2.29 -8.65 32.29
C ALA B 219 1.59 -9.67 31.40
N ASP B 220 2.33 -10.58 30.77
CA ASP B 220 1.77 -11.53 29.81
C ASP B 220 1.08 -10.83 28.64
N VAL B 221 1.68 -9.75 28.16
CA VAL B 221 1.12 -8.93 27.09
C VAL B 221 1.97 -9.12 25.85
N PRO B 222 1.39 -9.46 24.70
CA PRO B 222 2.20 -9.70 23.50
C PRO B 222 2.85 -8.43 23.00
N VAL B 223 4.05 -8.60 22.47
CA VAL B 223 4.84 -7.51 21.89
C VAL B 223 4.74 -7.59 20.38
N ILE B 224 4.44 -6.45 19.76
CA ILE B 224 4.48 -6.29 18.31
C ILE B 224 5.76 -5.52 18.02
N ALA B 225 6.71 -6.17 17.34
CA ALA B 225 7.99 -5.55 16.99
C ALA B 225 7.85 -4.92 15.60
N ASP B 226 7.69 -3.60 15.58
CA ASP B 226 7.63 -2.87 14.31
C ASP B 226 9.06 -2.69 13.82
N GLU B 227 9.51 -3.67 13.04
CA GLU B 227 10.85 -3.70 12.47
C GLU B 227 10.85 -3.27 11.00
N VAL B 228 9.91 -2.40 10.64
CA VAL B 228 9.88 -1.84 9.28
C VAL B 228 11.25 -1.29 8.91
N LYS B 229 11.91 -0.61 9.85
CA LYS B 229 13.20 0.01 9.55
C LYS B 229 14.38 -0.88 9.93
N VAL B 230 14.30 -1.60 11.04
CA VAL B 230 15.45 -2.32 11.58
C VAL B 230 15.44 -3.83 11.32
N GLY B 231 14.34 -4.38 10.81
CA GLY B 231 14.30 -5.80 10.49
C GLY B 231 15.17 -6.08 9.28
N LEU B 232 16.10 -7.00 9.42
CA LEU B 232 17.12 -7.36 8.43
C LEU B 232 18.16 -6.28 8.24
N ARG B 233 18.14 -5.22 9.05
CA ARG B 233 19.05 -4.08 8.85
C ARG B 233 20.46 -4.41 9.33
N TYR B 234 20.59 -5.14 10.42
CA TYR B 234 21.89 -5.36 11.05
C TYR B 234 22.44 -6.75 10.82
N ARG B 235 21.62 -7.69 10.38
CA ARG B 235 21.97 -9.10 10.25
C ARG B 235 20.79 -9.76 9.55
N ALA B 236 20.93 -11.05 9.24
CA ALA B 236 19.85 -11.81 8.61
C ALA B 236 18.85 -12.24 9.69
N GLY B 237 18.14 -11.26 10.23
CA GLY B 237 17.19 -11.51 11.28
C GLY B 237 16.62 -10.21 11.81
N LEU B 238 15.78 -10.34 12.83
CA LEU B 238 15.27 -9.17 13.52
C LEU B 238 16.39 -8.51 14.32
N SER B 239 16.09 -7.32 14.86
CA SER B 239 17.14 -6.41 15.31
C SER B 239 17.77 -6.78 16.65
N THR B 240 17.08 -7.53 17.52
CA THR B 240 17.69 -7.89 18.81
C THR B 240 17.13 -9.18 19.39
N PRO B 241 17.99 -10.11 19.82
CA PRO B 241 17.48 -11.32 20.48
C PRO B 241 16.91 -11.05 21.86
N LEU B 242 17.04 -9.84 22.38
CA LEU B 242 16.46 -9.48 23.66
C LEU B 242 14.96 -9.21 23.59
N LEU B 243 14.41 -9.09 22.39
CA LEU B 243 12.97 -8.99 22.21
C LEU B 243 12.42 -10.37 21.83
N ASP B 244 11.22 -10.67 22.35
CA ASP B 244 10.49 -11.89 22.03
C ASP B 244 9.15 -11.49 21.46
N PRO B 245 9.09 -11.06 20.19
CA PRO B 245 7.84 -10.53 19.66
C PRO B 245 6.86 -11.65 19.33
N ALA B 246 5.59 -11.39 19.64
CA ALA B 246 4.52 -12.26 19.18
C ALA B 246 4.16 -11.99 17.72
N VAL B 247 4.41 -10.77 17.24
CA VAL B 247 4.19 -10.38 15.85
C VAL B 247 5.35 -9.48 15.46
N TRP B 248 5.86 -9.67 14.23
CA TRP B 248 6.88 -8.80 13.66
C TRP B 248 6.40 -8.23 12.34
N ILE B 249 6.99 -7.08 11.97
CA ILE B 249 6.79 -6.47 10.66
C ILE B 249 8.17 -6.05 10.14
N VAL B 250 8.46 -6.36 8.87
CA VAL B 250 9.65 -5.84 8.21
C VAL B 250 9.22 -5.23 6.87
N ALA B 251 10.06 -4.35 6.31
CA ALA B 251 9.71 -3.77 5.02
C ALA B 251 10.89 -3.12 4.31
N LYS B 252 11.54 -2.14 4.94
CA LYS B 252 12.53 -1.33 4.23
C LYS B 252 13.68 -2.19 3.69
N CYS B 253 14.08 -3.21 4.43
CA CYS B 253 15.21 -4.03 4.00
C CYS B 253 14.81 -5.17 3.06
N LEU B 254 13.54 -5.25 2.65
CA LEU B 254 13.00 -6.43 2.00
C LEU B 254 13.05 -6.39 0.48
N ALA B 255 13.02 -5.20 -0.16
CA ALA B 255 12.76 -5.20 -1.59
C ALA B 255 13.47 -4.08 -2.34
N ASN B 256 14.55 -3.54 -1.78
CA ASN B 256 15.36 -2.50 -2.43
C ASN B 256 14.51 -1.34 -2.91
N GLY B 257 13.48 -0.98 -2.13
CA GLY B 257 12.66 0.17 -2.41
C GLY B 257 11.33 -0.13 -3.05
N SER B 258 11.16 -1.30 -3.66
CA SER B 258 9.86 -1.66 -4.20
C SER B 258 8.86 -1.83 -3.06
N PRO B 259 7.61 -1.61 -3.31
CA PRO B 259 6.66 -1.48 -2.19
C PRO B 259 6.13 -2.81 -1.63
N VAL B 260 6.91 -3.40 -0.75
CA VAL B 260 6.58 -4.68 -0.13
C VAL B 260 6.90 -4.59 1.35
N ALA B 261 5.93 -4.94 2.19
CA ALA B 261 6.13 -5.12 3.61
C ALA B 261 5.63 -6.52 3.98
N ALA B 262 6.20 -7.08 5.05
CA ALA B 262 5.80 -8.42 5.46
C ALA B 262 5.58 -8.44 6.96
N VAL B 263 4.69 -9.34 7.39
CA VAL B 263 4.41 -9.54 8.81
C VAL B 263 4.41 -11.03 9.09
N GLY B 264 4.58 -11.37 10.37
CA GLY B 264 4.45 -12.76 10.77
C GLY B 264 4.34 -12.85 12.27
N GLY B 265 3.99 -14.05 12.73
CA GLY B 265 3.91 -14.23 14.17
C GLY B 265 2.86 -15.26 14.54
N ASP B 266 2.30 -15.09 15.73
CA ASP B 266 1.41 -16.08 16.33
C ASP B 266 0.12 -16.17 15.54
N ALA B 267 -0.26 -17.40 15.16
CA ALA B 267 -1.40 -17.60 14.28
C ALA B 267 -2.68 -17.01 14.85
N HIS B 268 -2.94 -17.21 16.14
CA HIS B 268 -4.22 -16.73 16.67
C HIS B 268 -4.29 -15.21 16.77
N LEU B 269 -3.14 -14.56 16.97
CA LEU B 269 -3.14 -13.10 17.02
C LEU B 269 -3.37 -12.48 15.65
N LEU B 270 -3.10 -13.23 14.59
CA LEU B 270 -3.24 -12.74 13.22
C LEU B 270 -4.43 -13.36 12.50
N ALA B 271 -5.40 -13.91 13.25
CA ALA B 271 -6.54 -14.56 12.63
C ALA B 271 -7.29 -13.63 11.71
N ALA B 272 -7.44 -12.35 12.10
CA ALA B 272 -8.19 -11.41 11.31
C ALA B 272 -7.55 -11.12 9.95
N LEU B 273 -6.29 -11.51 9.75
CA LEU B 273 -5.66 -11.34 8.44
C LEU B 273 -6.33 -12.19 7.36
N GLU B 274 -7.16 -13.17 7.73
CA GLU B 274 -7.86 -13.94 6.71
C GLU B 274 -8.72 -13.05 5.83
N ASP B 275 -9.15 -11.90 6.33
CA ASP B 275 -9.99 -10.99 5.57
C ASP B 275 -9.21 -9.97 4.77
N VAL B 276 -7.89 -10.07 4.71
CA VAL B 276 -7.06 -9.14 3.95
C VAL B 276 -6.83 -9.69 2.55
N SER B 277 -7.19 -8.89 1.54
CA SER B 277 -6.80 -9.10 0.17
C SER B 277 -6.73 -7.74 -0.49
N PHE B 278 -5.84 -7.60 -1.47
CA PHE B 278 -5.75 -6.37 -2.25
C PHE B 278 -5.38 -6.69 -3.69
N THR B 279 -5.85 -5.82 -4.60
CA THR B 279 -5.80 -6.07 -6.03
C THR B 279 -4.41 -6.47 -6.51
N SER B 280 -3.37 -5.75 -6.06
CA SER B 280 -2.02 -5.94 -6.58
C SER B 280 -1.23 -7.01 -5.83
N TYR B 281 -1.92 -7.88 -5.08
CA TYR B 281 -1.26 -8.86 -4.22
C TYR B 281 -0.17 -9.63 -4.96
N PHE B 282 -0.47 -10.09 -6.17
CA PHE B 282 0.45 -10.94 -6.92
C PHE B 282 1.25 -10.19 -7.97
N GLU B 283 1.29 -8.85 -7.91
CA GLU B 283 1.96 -8.08 -8.95
C GLU B 283 3.41 -8.54 -9.08
N PRO B 284 3.87 -8.85 -10.29
CA PRO B 284 5.12 -9.60 -10.41
C PRO B 284 6.40 -8.81 -10.21
N THR B 285 6.41 -7.49 -10.49
CA THR B 285 7.65 -6.75 -10.28
C THR B 285 7.97 -6.60 -8.80
N ALA B 286 6.96 -6.33 -7.96
CA ALA B 286 7.18 -6.33 -6.52
C ALA B 286 7.66 -7.67 -6.04
N MET B 287 7.05 -8.75 -6.54
CA MET B 287 7.46 -10.09 -6.14
C MET B 287 8.89 -10.38 -6.55
N ALA B 288 9.31 -9.91 -7.72
CA ALA B 288 10.68 -10.10 -8.17
C ALA B 288 11.66 -9.33 -7.30
N ALA B 289 11.31 -8.09 -6.95
CA ALA B 289 12.21 -7.30 -6.12
C ALA B 289 12.35 -7.90 -4.72
N ALA B 290 11.25 -8.35 -4.13
CA ALA B 290 11.31 -8.87 -2.77
C ALA B 290 12.04 -10.20 -2.72
N THR B 291 11.77 -11.09 -3.67
CA THR B 291 12.47 -12.39 -3.64
C THR B 291 13.95 -12.23 -3.92
N THR B 292 14.31 -11.41 -4.91
CA THR B 292 15.73 -11.22 -5.24
C THR B 292 16.47 -10.55 -4.10
N THR B 293 15.85 -9.53 -3.48
CA THR B 293 16.50 -8.83 -2.38
C THR B 293 16.58 -9.72 -1.14
N LEU B 294 15.49 -10.40 -0.78
CA LEU B 294 15.51 -11.22 0.43
C LEU B 294 16.53 -12.35 0.34
N ARG B 295 16.65 -12.98 -0.84
CA ARG B 295 17.64 -14.04 -0.97
C ARG B 295 19.04 -13.54 -0.63
N ARG B 296 19.34 -12.29 -0.93
CA ARG B 296 20.65 -11.74 -0.61
C ARG B 296 20.73 -11.24 0.82
N MET B 297 19.71 -10.52 1.30
CA MET B 297 19.71 -10.09 2.69
C MET B 297 19.73 -11.26 3.67
N ALA B 298 19.14 -12.39 3.27
CA ALA B 298 19.10 -13.56 4.15
C ALA B 298 20.49 -14.18 4.37
N THR B 299 21.47 -13.85 3.54
CA THR B 299 22.83 -14.37 3.75
C THR B 299 23.61 -13.56 4.77
N GLY B 300 23.14 -12.36 5.13
CA GLY B 300 23.88 -11.47 5.99
C GLY B 300 25.03 -10.74 5.32
N GLU B 301 25.35 -11.05 4.06
CA GLU B 301 26.50 -10.42 3.43
C GLU B 301 26.33 -8.92 3.21
N PRO B 302 25.20 -8.42 2.69
CA PRO B 302 25.09 -6.96 2.53
C PRO B 302 25.23 -6.22 3.84
N GLN B 303 24.62 -6.74 4.89
CA GLN B 303 24.65 -6.05 6.18
C GLN B 303 26.08 -5.98 6.73
N GLN B 304 26.87 -7.05 6.59
CA GLN B 304 28.24 -7.01 7.06
C GLN B 304 29.07 -6.00 6.26
N ALA B 305 28.88 -5.96 4.95
CA ALA B 305 29.62 -5.01 4.12
C ALA B 305 29.25 -3.58 4.47
N ILE B 306 27.94 -3.31 4.61
CA ILE B 306 27.51 -1.96 4.95
C ILE B 306 28.05 -1.57 6.31
N ARG B 307 28.02 -2.50 7.27
CA ARG B 307 28.51 -2.23 8.62
C ARG B 307 29.97 -1.80 8.59
N ALA B 308 30.81 -2.54 7.87
CA ALA B 308 32.24 -2.22 7.83
C ALA B 308 32.47 -0.87 7.14
N ALA B 309 31.81 -0.65 6.00
CA ALA B 309 32.02 0.59 5.26
C ALA B 309 31.48 1.78 6.03
N GLY B 310 30.26 1.66 6.57
CA GLY B 310 29.72 2.75 7.35
C GLY B 310 30.51 3.03 8.61
N ASP B 311 31.03 1.97 9.26
CA ASP B 311 31.86 2.17 10.45
C ASP B 311 33.12 2.98 10.12
N ARG B 312 33.73 2.73 8.95
CA ARG B 312 34.89 3.52 8.55
C ARG B 312 34.53 4.99 8.37
N PHE B 313 33.38 5.26 7.74
CA PHE B 313 32.94 6.63 7.56
C PHE B 313 32.65 7.30 8.89
N ILE B 314 32.01 6.59 9.82
CA ILE B 314 31.72 7.14 11.14
C ILE B 314 33.01 7.48 11.86
N ALA B 315 33.96 6.54 11.87
CA ALA B 315 35.21 6.76 12.57
C ALA B 315 35.95 7.95 11.99
N HIS B 316 36.02 8.04 10.67
CA HIS B 316 36.69 9.17 10.03
C HIS B 316 36.02 10.49 10.40
N THR B 317 34.69 10.51 10.36
CA THR B 317 33.96 11.75 10.60
C THR B 317 34.05 12.18 12.05
N ARG B 318 33.88 11.23 12.97
CA ARG B 318 34.02 11.53 14.39
C ARG B 318 35.37 12.17 14.68
N ALA B 319 36.45 11.56 14.18
CA ALA B 319 37.79 12.10 14.42
C ALA B 319 37.98 13.45 13.76
N ALA B 320 37.49 13.61 12.52
CA ALA B 320 37.65 14.89 11.84
C ALA B 320 37.01 16.02 12.64
N PHE B 321 35.77 15.83 13.08
CA PHE B 321 35.10 16.86 13.86
C PHE B 321 35.81 17.10 15.19
N ALA B 322 36.23 16.03 15.88
CA ALA B 322 36.86 16.17 17.18
C ALA B 322 38.17 16.94 17.07
N ASN B 323 38.96 16.68 16.04
CA ASN B 323 40.23 17.37 15.88
C ASN B 323 40.05 18.84 15.52
N ALA B 324 38.97 19.18 14.81
CA ALA B 324 38.70 20.55 14.42
C ALA B 324 37.86 21.31 15.45
N GLY B 325 37.51 20.68 16.56
CA GLY B 325 36.66 21.33 17.54
C GLY B 325 35.23 21.54 17.11
N VAL B 326 34.76 20.81 16.11
CA VAL B 326 33.39 20.93 15.63
C VAL B 326 32.47 20.12 16.53
N PRO B 327 31.44 20.79 17.23
CA PRO B 327 30.61 20.08 18.25
C PRO B 327 29.53 19.21 17.62
N ILE B 328 29.96 18.17 16.92
CA ILE B 328 29.06 17.19 16.32
C ILE B 328 29.65 15.81 16.60
N ASP B 329 28.85 14.93 17.20
CA ASP B 329 29.23 13.54 17.34
C ASP B 329 28.27 12.68 16.52
N LEU B 330 28.45 11.39 16.61
CA LEU B 330 27.60 10.45 15.89
C LEU B 330 27.15 9.36 16.84
N ALA B 331 25.96 8.82 16.57
CA ALA B 331 25.44 7.68 17.30
C ALA B 331 25.08 6.59 16.30
N GLY B 332 25.05 5.35 16.77
CA GLY B 332 24.69 4.25 15.90
C GLY B 332 25.89 3.54 15.32
N ASN B 333 25.72 2.89 14.18
CA ASN B 333 26.79 2.13 13.56
C ASN B 333 26.66 2.26 12.05
N GLY B 334 27.49 1.49 11.34
CA GLY B 334 27.58 1.62 9.90
C GLY B 334 26.27 1.33 9.17
N ASN B 335 25.44 0.45 9.73
CA ASN B 335 24.15 0.15 9.09
C ASN B 335 23.16 1.28 9.28
N LEU B 336 23.22 2.00 10.40
CA LEU B 336 22.22 3.00 10.71
C LEU B 336 22.81 3.92 11.75
N PHE B 337 22.98 5.20 11.42
CA PHE B 337 23.63 6.12 12.34
C PHE B 337 22.97 7.49 12.23
N GLN B 338 23.34 8.38 13.14
CA GLN B 338 22.84 9.74 13.02
C GLN B 338 23.89 10.71 13.55
N PHE B 339 23.73 11.96 13.17
CA PHE B 339 24.57 13.03 13.67
C PHE B 339 23.90 13.66 14.88
N VAL B 340 24.70 13.96 15.90
CA VAL B 340 24.24 14.63 17.11
C VAL B 340 24.96 15.96 17.18
N CYS B 341 24.23 17.05 16.93
CA CYS B 341 24.79 18.39 16.94
C CYS B 341 24.51 19.08 18.28
N ALA B 342 25.40 20.01 18.64
CA ALA B 342 25.23 20.70 19.93
C ALA B 342 23.88 21.43 20.00
N ASP B 343 23.46 22.05 18.90
CA ASP B 343 22.20 22.79 18.86
C ASP B 343 21.74 22.89 17.41
N ASP B 344 20.57 23.52 17.22
CA ASP B 344 19.98 23.62 15.89
C ASP B 344 20.80 24.49 14.96
N GLU B 345 21.45 25.53 15.49
CA GLU B 345 22.28 26.38 14.64
C GLU B 345 23.46 25.59 14.09
N VAL B 346 24.09 24.77 14.92
CA VAL B 346 25.15 23.89 14.43
C VAL B 346 24.59 22.94 13.37
N ALA B 347 23.44 22.33 13.64
CA ALA B 347 22.83 21.42 12.68
C ALA B 347 22.54 22.11 11.36
N ASP B 348 21.99 23.33 11.41
CA ASP B 348 21.69 24.05 10.17
C ASP B 348 22.95 24.31 9.35
N ALA B 349 24.03 24.73 10.01
CA ALA B 349 25.28 24.99 9.29
C ALA B 349 25.87 23.70 8.76
N PHE B 350 25.80 22.62 9.55
CA PHE B 350 26.27 21.31 9.09
C PHE B 350 25.52 20.88 7.85
N HIS B 351 24.20 21.01 7.85
CA HIS B 351 23.42 20.52 6.71
C HIS B 351 23.67 21.35 5.46
N ALA B 352 23.90 22.65 5.62
CA ALA B 352 24.23 23.48 4.47
C ALA B 352 25.60 23.12 3.91
N ALA B 353 26.59 22.96 4.80
CA ALA B 353 27.92 22.56 4.35
C ALA B 353 27.90 21.18 3.70
N ALA B 354 27.13 20.25 4.28
CA ALA B 354 27.04 18.90 3.71
C ALA B 354 26.44 18.95 2.31
N ALA B 355 25.34 19.70 2.14
CA ALA B 355 24.73 19.81 0.82
C ALA B 355 25.70 20.43 -0.18
N ALA B 356 26.49 21.42 0.26
CA ALA B 356 27.43 22.06 -0.66
C ALA B 356 28.48 21.09 -1.17
N GLU B 357 28.84 20.09 -0.37
CA GLU B 357 29.80 19.08 -0.80
C GLU B 357 29.14 17.89 -1.49
N GLY B 358 27.82 17.92 -1.64
CA GLY B 358 27.15 16.80 -2.27
C GLY B 358 26.95 15.60 -1.38
N LEU B 359 26.91 15.77 -0.07
CA LEU B 359 26.50 14.69 0.83
C LEU B 359 25.00 14.84 1.04
N LEU B 360 24.23 13.80 0.69
CA LEU B 360 22.78 13.82 0.85
C LEU B 360 22.42 13.01 2.09
N PHE B 361 22.25 13.70 3.20
CA PHE B 361 21.85 13.09 4.46
C PHE B 361 20.35 13.23 4.62
N PHE B 362 19.77 12.31 5.40
CA PHE B 362 18.39 12.44 5.87
C PHE B 362 18.45 13.38 7.07
N GLU B 363 18.09 14.65 6.86
CA GLU B 363 18.42 15.70 7.81
C GLU B 363 17.68 15.50 9.13
N GLY B 364 18.44 15.50 10.23
CA GLY B 364 17.86 15.34 11.53
C GLY B 364 17.37 13.95 11.85
N ASP B 365 17.64 12.99 10.98
CA ASP B 365 17.10 11.65 11.13
C ASP B 365 18.27 10.68 10.96
N ASN B 366 17.97 9.42 10.65
CA ASN B 366 19.03 8.42 10.54
C ASN B 366 19.57 8.31 9.12
N GLN B 367 20.87 8.05 9.04
CA GLN B 367 21.56 7.74 7.80
C GLN B 367 21.68 6.23 7.65
N THR B 368 21.38 5.73 6.46
CA THR B 368 21.31 4.30 6.20
C THR B 368 22.00 4.02 4.88
N PRO B 369 23.31 3.74 4.91
CA PRO B 369 24.01 3.40 3.67
C PRO B 369 23.48 2.12 3.05
N SER B 370 23.67 2.00 1.74
CA SER B 370 23.34 0.78 1.02
C SER B 370 24.61 0.00 0.73
N ALA B 371 24.45 -1.20 0.16
CA ALA B 371 25.61 -2.00 -0.20
C ALA B 371 26.43 -1.39 -1.31
N ALA B 372 25.91 -0.38 -1.99
CA ALA B 372 26.71 0.36 -2.96
C ALA B 372 27.70 1.31 -2.30
N PHE B 373 27.66 1.44 -0.98
CA PHE B 373 28.61 2.27 -0.24
C PHE B 373 29.86 1.41 -0.04
N THR B 374 30.65 1.32 -1.11
CA THR B 374 31.86 0.51 -1.17
C THR B 374 33.05 1.32 -0.67
N ASP B 375 34.22 0.67 -0.63
CA ASP B 375 35.42 1.36 -0.15
C ASP B 375 35.71 2.62 -0.96
N GLU B 376 35.52 2.57 -2.28
CA GLU B 376 35.76 3.74 -3.10
C GLU B 376 34.81 4.87 -2.76
N VAL B 377 33.54 4.54 -2.47
CA VAL B 377 32.57 5.56 -2.11
C VAL B 377 32.84 6.09 -0.70
N VAL B 378 33.30 5.22 0.20
CA VAL B 378 33.71 5.67 1.53
C VAL B 378 34.79 6.73 1.42
N GLU B 379 35.82 6.48 0.62
CA GLU B 379 36.89 7.45 0.45
C GLU B 379 36.35 8.79 -0.07
N ASP B 380 35.47 8.75 -1.07
CA ASP B 380 34.85 9.97 -1.59
C ASP B 380 34.07 10.69 -0.49
N ALA B 381 33.26 9.94 0.27
CA ALA B 381 32.48 10.57 1.32
C ALA B 381 33.36 11.17 2.40
N CYS B 382 34.48 10.51 2.73
CA CYS B 382 35.40 11.05 3.73
C CYS B 382 36.02 12.35 3.26
N GLY B 383 36.37 12.44 1.98
CA GLY B 383 36.86 13.71 1.45
C GLY B 383 35.83 14.81 1.55
N ARG B 384 34.56 14.48 1.25
CA ARG B 384 33.53 15.51 1.38
C ARG B 384 33.35 15.93 2.82
N ILE B 385 33.47 14.98 3.77
CA ILE B 385 33.41 15.30 5.19
C ILE B 385 34.59 16.17 5.62
N ASP B 386 35.78 15.90 5.06
CA ASP B 386 36.92 16.78 5.32
C ASP B 386 36.58 18.22 4.99
N ARG B 387 35.93 18.45 3.85
CA ARG B 387 35.57 19.80 3.45
C ARG B 387 34.45 20.37 4.33
N VAL B 388 33.50 19.53 4.76
CA VAL B 388 32.48 20.00 5.70
C VAL B 388 33.12 20.45 7.00
N SER B 389 34.03 19.63 7.53
CA SER B 389 34.69 19.97 8.78
C SER B 389 35.46 21.28 8.65
N ALA B 390 36.19 21.45 7.53
CA ALA B 390 36.91 22.69 7.31
C ALA B 390 35.97 23.89 7.26
N ALA B 391 34.78 23.71 6.67
CA ALA B 391 33.83 24.81 6.55
C ALA B 391 33.18 25.15 7.88
N LEU B 392 33.19 24.24 8.85
CA LEU B 392 32.58 24.50 10.15
C LEU B 392 33.60 24.90 11.22
N THR B 393 34.90 24.73 10.95
CA THR B 393 35.91 25.00 11.95
C THR B 393 35.91 26.47 12.37
N GLY B 394 36.10 26.71 13.66
CA GLY B 394 36.21 28.04 14.21
C GLY B 394 34.90 28.76 14.43
N ARG B 395 33.77 28.15 14.06
CA ARG B 395 32.49 28.84 14.16
C ARG B 395 31.69 28.46 15.41
N PHE B 396 31.93 27.26 15.96
CA PHE B 396 31.14 26.76 17.08
C PHE B 396 32.03 26.07 18.12
N THR B 397 33.30 26.48 18.22
CA THR B 397 34.22 25.84 19.14
C THR B 397 33.78 25.96 20.59
N ASP B 398 32.96 26.95 20.92
CA ASP B 398 32.53 27.20 22.29
C ASP B 398 31.17 26.60 22.61
N ARG B 399 30.85 25.44 22.03
CA ARG B 399 29.55 24.82 22.23
C ARG B 399 29.72 23.36 22.61
N GLU B 400 29.02 22.94 23.67
CA GLU B 400 29.11 21.60 24.21
C GLU B 400 27.89 20.79 23.79
N LEU B 401 28.07 19.47 23.75
CA LEU B 401 26.96 18.54 23.54
C LEU B 401 26.36 18.24 24.91
N THR B 402 25.19 18.82 25.18
CA THR B 402 24.52 18.65 26.46
C THR B 402 23.56 17.47 26.41
N GLU B 403 22.97 17.14 27.56
CA GLU B 403 21.87 16.18 27.57
C GLU B 403 20.76 16.65 26.65
N GLU B 404 20.52 17.96 26.60
CA GLU B 404 19.50 18.50 25.70
C GLU B 404 19.83 18.20 24.24
N SER B 405 21.11 18.33 23.86
CA SER B 405 21.50 17.99 22.49
C SER B 405 21.21 16.53 22.17
N TRP B 406 21.54 15.63 23.08
CA TRP B 406 21.33 14.20 22.84
C TRP B 406 19.85 13.87 22.76
N TYR B 407 19.04 14.36 23.71
CA TYR B 407 17.61 14.07 23.68
C TYR B 407 16.95 14.64 22.45
N ALA B 408 17.31 15.86 22.06
CA ALA B 408 16.67 16.46 20.90
C ALA B 408 17.05 15.72 19.62
N SER B 409 18.32 15.30 19.50
CA SER B 409 18.76 14.57 18.31
C SER B 409 18.11 13.20 18.23
N ALA B 410 18.08 12.47 19.35
CA ALA B 410 17.46 11.16 19.35
C ALA B 410 15.96 11.24 19.07
N TRP B 411 15.29 12.24 19.65
CA TRP B 411 13.86 12.41 19.45
C TRP B 411 13.52 12.52 17.96
N GLY B 412 14.34 13.23 17.18
CA GLY B 412 14.04 13.38 15.77
C GLY B 412 14.26 12.11 14.98
N ALA B 413 15.19 11.26 15.41
CA ALA B 413 15.52 10.07 14.63
C ALA B 413 14.74 8.83 15.07
N MET B 414 14.51 8.66 16.38
CA MET B 414 13.83 7.46 16.84
C MET B 414 12.49 7.71 17.53
N ASP B 415 12.04 8.97 17.60
CA ASP B 415 10.64 9.31 17.89
C ASP B 415 10.25 9.10 19.36
N GLY B 416 11.21 9.17 20.25
CA GLY B 416 10.94 9.11 21.66
C GLY B 416 12.16 9.46 22.48
N LEU B 417 12.18 8.98 23.72
CA LEU B 417 13.23 9.35 24.68
C LEU B 417 14.40 8.36 24.66
N ALA B 418 15.62 8.89 24.50
CA ALA B 418 16.82 8.05 24.60
C ALA B 418 16.90 7.41 25.98
N ASP B 419 17.55 6.24 26.05
CA ASP B 419 17.79 5.58 27.34
C ASP B 419 19.07 6.13 27.93
N ARG B 420 18.93 7.27 28.60
CA ARG B 420 19.97 7.89 29.36
C ARG B 420 19.45 8.11 30.78
N PRO B 421 20.28 7.90 31.81
CA PRO B 421 19.78 8.01 33.19
C PRO B 421 19.17 9.39 33.46
N ARG B 422 17.99 9.38 34.09
CA ARG B 422 17.28 10.61 34.35
C ARG B 422 16.26 10.37 35.47
N THR B 423 15.87 11.46 36.12
CA THR B 423 14.83 11.39 37.15
C THR B 423 13.46 11.47 36.50
N ARG B 424 12.43 11.12 37.28
CA ARG B 424 11.07 11.25 36.77
C ARG B 424 10.72 12.70 36.48
N GLU B 425 11.16 13.62 37.35
CA GLU B 425 10.92 15.03 37.09
C GLU B 425 11.64 15.49 35.83
N GLU B 426 12.80 14.91 35.53
CA GLU B 426 13.51 15.25 34.30
C GLU B 426 12.76 14.74 33.06
N THR B 427 12.16 13.55 33.15
CA THR B 427 11.34 13.07 32.04
C THR B 427 10.27 14.09 31.68
N THR B 428 9.58 14.62 32.68
CA THR B 428 8.54 15.60 32.42
C THR B 428 9.10 16.85 31.73
N ALA B 429 10.26 17.33 32.19
CA ALA B 429 10.87 18.51 31.60
C ALA B 429 11.25 18.27 30.15
N ILE B 430 11.87 17.12 29.85
CA ILE B 430 12.27 16.82 28.48
C ILE B 430 11.04 16.75 27.58
N VAL B 431 10.02 16.00 28.01
CA VAL B 431 8.81 15.84 27.21
C VAL B 431 8.14 17.19 26.98
N GLU B 432 8.12 18.04 28.00
CA GLU B 432 7.54 19.37 27.83
C GLU B 432 8.32 20.18 26.79
N ARG B 433 9.63 20.04 26.74
CA ARG B 433 10.44 20.78 25.76
C ARG B 433 10.20 20.26 24.35
N LEU B 434 10.13 18.94 24.19
CA LEU B 434 10.24 18.32 22.87
C LEU B 434 8.91 17.96 22.22
N TRP B 435 7.83 17.86 22.99
CA TRP B 435 6.53 17.54 22.41
C TRP B 435 5.97 18.77 21.70
N GLU B 436 5.39 18.54 20.53
CA GLU B 436 4.77 19.65 19.79
C GLU B 436 3.36 19.28 19.32
#